data_3DJI
#
_entry.id   3DJI
#
_cell.length_a   69.974
_cell.length_b   60.899
_cell.length_c   77.806
_cell.angle_alpha   90.00
_cell.angle_beta   93.28
_cell.angle_gamma   90.00
#
_symmetry.space_group_name_H-M   'P 1 21 1'
#
loop_
_entity.id
_entity.type
_entity.pdbx_description
1 polymer 'Macrophage migration inhibitory factor'
2 non-polymer 'CHLORIDE ION'
3 non-polymer "N,N'-(6,6'-dihydroxybiphenyl-3,3'-diyl)diacetamide"
4 water water
#
_entity_poly.entity_id   1
_entity_poly.type   'polypeptide(L)'
_entity_poly.pdbx_seq_one_letter_code
;PMFIVNTNVPRASVPDGFLSELTQQLAQATGKPPQYIAVHVVPDQLMAFGGSSEPCALCSLHSIGKIGGAQNRSYSKLLC
GLLAERLRISPDRVYINYYDMNAANVGWNNSTFA
;
_entity_poly.pdbx_strand_id   A,B,C,D,E,F
#
loop_
_chem_comp.id
_chem_comp.type
_chem_comp.name
_chem_comp.formula
3E1 non-polymer N,N'-(6,6'-dihydroxybiphenyl-3,3'-diyl)diacetamide 'C16 H16 N2 O4'
CL non-polymer 'CHLORIDE ION' 'Cl -1'
#
# COMPACT_ATOMS: atom_id res chain seq x y z
N PRO A 1 -23.90 -22.48 -4.72
CA PRO A 1 -22.61 -23.14 -4.35
C PRO A 1 -21.77 -23.34 -5.62
N MET A 2 -20.45 -23.42 -5.47
CA MET A 2 -19.60 -23.63 -6.62
C MET A 2 -18.47 -24.55 -6.24
N PHE A 3 -18.14 -25.45 -7.15
CA PHE A 3 -17.10 -26.43 -6.93
C PHE A 3 -16.10 -26.33 -8.06
N ILE A 4 -14.84 -26.22 -7.70
CA ILE A 4 -13.79 -26.09 -8.69
C ILE A 4 -12.76 -27.19 -8.48
N VAL A 5 -12.37 -27.82 -9.58
CA VAL A 5 -11.38 -28.88 -9.54
C VAL A 5 -10.22 -28.57 -10.48
N ASN A 6 -9.01 -28.52 -9.94
CA ASN A 6 -7.80 -28.28 -10.71
C ASN A 6 -7.02 -29.58 -10.62
N THR A 7 -6.68 -30.15 -11.77
CA THR A 7 -5.96 -31.41 -11.79
C THR A 7 -5.01 -31.50 -12.96
N ASN A 8 -4.02 -32.38 -12.84
CA ASN A 8 -3.07 -32.56 -13.90
C ASN A 8 -3.56 -33.65 -14.86
N VAL A 9 -4.69 -34.30 -14.56
CA VAL A 9 -5.18 -35.34 -15.48
C VAL A 9 -5.64 -34.71 -16.80
N PRO A 10 -5.38 -35.40 -17.93
CA PRO A 10 -5.74 -34.91 -19.26
C PRO A 10 -7.23 -34.67 -19.47
N ARG A 11 -7.52 -33.72 -20.33
CA ARG A 11 -8.89 -33.35 -20.67
C ARG A 11 -9.62 -34.59 -21.16
N ALA A 12 -8.95 -35.41 -21.96
CA ALA A 12 -9.56 -36.60 -22.49
C ALA A 12 -9.99 -37.58 -21.39
N SER A 13 -9.37 -37.49 -20.22
CA SER A 13 -9.70 -38.37 -19.10
C SER A 13 -10.88 -37.88 -18.27
N VAL A 14 -11.35 -36.67 -18.54
CA VAL A 14 -12.51 -36.13 -17.84
C VAL A 14 -13.69 -36.68 -18.65
N PRO A 15 -14.46 -37.55 -18.02
CA PRO A 15 -15.59 -38.16 -18.66
C PRO A 15 -16.65 -37.15 -19.07
N ASP A 16 -17.26 -37.63 -20.08
CA ASP A 16 -18.30 -36.84 -20.65
C ASP A 16 -19.48 -36.90 -19.75
N GLY A 17 -19.98 -35.73 -19.30
CA GLY A 17 -21.12 -35.61 -18.43
C GLY A 17 -20.70 -35.46 -16.99
N PHE A 18 -19.40 -35.45 -16.74
CA PHE A 18 -18.88 -35.32 -15.39
C PHE A 18 -19.42 -34.05 -14.70
N LEU A 19 -19.46 -32.93 -15.40
CA LEU A 19 -19.94 -31.70 -14.76
C LEU A 19 -21.41 -31.75 -14.34
N SER A 20 -22.26 -32.26 -15.21
CA SER A 20 -23.68 -32.38 -14.90
C SER A 20 -23.81 -33.32 -13.72
N GLU A 21 -22.98 -34.35 -13.72
CA GLU A 21 -22.93 -35.36 -12.68
C GLU A 21 -22.64 -34.68 -11.34
N LEU A 22 -21.58 -33.88 -11.30
CA LEU A 22 -21.19 -33.17 -10.08
C LEU A 22 -22.29 -32.24 -9.64
N THR A 23 -22.97 -31.61 -10.59
CA THR A 23 -24.04 -30.69 -10.25
C THR A 23 -25.11 -31.44 -9.47
N GLN A 24 -25.57 -32.56 -10.01
CA GLN A 24 -26.60 -33.37 -9.36
C GLN A 24 -26.20 -33.83 -7.97
N GLN A 25 -24.99 -34.37 -7.85
CA GLN A 25 -24.49 -34.86 -6.57
C GLN A 25 -24.31 -33.74 -5.54
N LEU A 26 -23.80 -32.59 -5.98
CA LEU A 26 -23.60 -31.49 -5.04
C LEU A 26 -24.96 -30.94 -4.59
N ALA A 27 -25.95 -31.04 -5.48
CA ALA A 27 -27.29 -30.57 -5.16
C ALA A 27 -27.83 -31.36 -3.98
N GLN A 28 -27.75 -32.69 -4.08
CA GLN A 28 -28.22 -33.57 -3.02
C GLN A 28 -27.39 -33.40 -1.75
N ALA A 29 -26.07 -33.39 -1.90
CA ALA A 29 -25.18 -33.27 -0.75
C ALA A 29 -25.41 -31.98 0.04
N THR A 30 -25.48 -30.85 -0.64
CA THR A 30 -25.68 -29.56 0.01
C THR A 30 -27.14 -29.23 0.29
N GLY A 31 -28.04 -29.85 -0.47
CA GLY A 31 -29.46 -29.59 -0.29
C GLY A 31 -29.93 -28.38 -1.09
N LYS A 32 -28.98 -27.74 -1.79
CA LYS A 32 -29.27 -26.56 -2.61
C LYS A 32 -29.80 -26.92 -4.01
N PRO A 33 -30.57 -26.01 -4.63
CA PRO A 33 -31.15 -26.24 -5.97
C PRO A 33 -30.06 -26.30 -7.06
N PRO A 34 -30.15 -27.29 -7.95
CA PRO A 34 -29.16 -27.44 -9.02
C PRO A 34 -28.95 -26.14 -9.80
N GLN A 35 -30.02 -25.37 -9.95
CA GLN A 35 -29.96 -24.10 -10.66
C GLN A 35 -28.91 -23.14 -10.08
N TYR A 36 -28.56 -23.31 -8.82
CA TYR A 36 -27.58 -22.42 -8.20
C TYR A 36 -26.20 -23.05 -8.07
N ILE A 37 -26.05 -24.26 -8.58
CA ILE A 37 -24.77 -24.95 -8.49
C ILE A 37 -23.91 -24.75 -9.72
N ALA A 38 -22.68 -24.27 -9.49
CA ALA A 38 -21.72 -24.07 -10.58
C ALA A 38 -20.54 -25.03 -10.39
N VAL A 39 -20.10 -25.64 -11.49
CA VAL A 39 -18.99 -26.56 -11.43
C VAL A 39 -17.94 -26.16 -12.47
N HIS A 40 -16.67 -26.35 -12.14
CA HIS A 40 -15.57 -25.94 -13.01
C HIS A 40 -14.44 -26.95 -12.82
N VAL A 41 -14.03 -27.59 -13.92
CA VAL A 41 -12.97 -28.58 -13.91
C VAL A 41 -11.85 -28.09 -14.83
N VAL A 42 -10.63 -28.07 -14.33
CA VAL A 42 -9.46 -27.59 -15.08
C VAL A 42 -8.44 -28.71 -15.26
N PRO A 43 -8.48 -29.42 -16.41
CA PRO A 43 -7.52 -30.50 -16.63
C PRO A 43 -6.16 -30.02 -17.15
N ASP A 44 -5.26 -30.97 -17.38
CA ASP A 44 -3.95 -30.72 -17.94
C ASP A 44 -3.12 -29.65 -17.22
N GLN A 45 -3.25 -29.56 -15.91
CA GLN A 45 -2.51 -28.56 -15.19
C GLN A 45 -1.11 -29.00 -14.78
N LEU A 46 -0.22 -28.04 -14.62
CA LEU A 46 1.16 -28.31 -14.19
C LEU A 46 1.15 -28.24 -12.66
N MET A 47 1.11 -29.40 -12.02
CA MET A 47 1.10 -29.42 -10.56
C MET A 47 1.82 -30.62 -10.00
N ALA A 48 2.12 -30.54 -8.71
CA ALA A 48 2.79 -31.60 -7.99
C ALA A 48 2.13 -31.66 -6.63
N PHE A 49 2.12 -32.85 -6.05
CA PHE A 49 1.50 -33.06 -4.75
C PHE A 49 2.47 -33.94 -3.99
N GLY A 50 3.01 -33.40 -2.90
CA GLY A 50 3.96 -34.14 -2.10
C GLY A 50 5.24 -34.30 -2.88
N GLY A 51 5.44 -33.42 -3.85
CA GLY A 51 6.63 -33.47 -4.68
C GLY A 51 6.48 -34.43 -5.86
N SER A 52 5.36 -35.14 -5.91
CA SER A 52 5.09 -36.12 -6.98
C SER A 52 4.12 -35.57 -8.03
N SER A 53 4.33 -35.98 -9.29
CA SER A 53 3.48 -35.52 -10.37
C SER A 53 2.40 -36.52 -10.79
N GLU A 54 2.11 -37.49 -9.93
CA GLU A 54 1.06 -38.46 -10.23
C GLU A 54 -0.27 -37.72 -10.15
N PRO A 55 -1.35 -38.31 -10.67
CA PRO A 55 -2.65 -37.61 -10.63
C PRO A 55 -2.98 -37.05 -9.26
N CYS A 56 -3.40 -35.80 -9.25
CA CYS A 56 -3.76 -35.13 -8.02
C CYS A 56 -4.79 -34.07 -8.35
N ALA A 57 -5.35 -33.43 -7.32
CA ALA A 57 -6.33 -32.39 -7.57
C ALA A 57 -6.40 -31.43 -6.40
N LEU A 58 -6.60 -30.14 -6.70
CA LEU A 58 -6.76 -29.14 -5.66
C LEU A 58 -8.15 -28.60 -5.97
N CYS A 59 -9.04 -28.64 -5.00
CA CYS A 59 -10.43 -28.24 -5.19
C CYS A 59 -10.94 -27.23 -4.16
N SER A 60 -12.05 -26.57 -4.48
CA SER A 60 -12.74 -25.60 -3.66
C SER A 60 -14.21 -25.75 -3.77
N LEU A 61 -14.82 -25.69 -2.60
CA LEU A 61 -16.27 -25.72 -2.48
C LEU A 61 -16.69 -24.47 -1.72
N HIS A 62 -17.45 -23.59 -2.37
CA HIS A 62 -17.93 -22.36 -1.73
C HIS A 62 -19.43 -22.47 -1.60
N SER A 63 -19.96 -22.12 -0.43
CA SER A 63 -21.40 -22.19 -0.22
C SER A 63 -21.84 -21.22 0.85
N ILE A 64 -23.08 -20.74 0.72
CA ILE A 64 -23.66 -19.85 1.71
C ILE A 64 -24.35 -20.80 2.68
N GLY A 65 -23.66 -21.12 3.77
CA GLY A 65 -24.19 -22.06 4.74
C GLY A 65 -23.85 -23.47 4.28
N LYS A 66 -24.39 -24.47 4.98
CA LYS A 66 -24.12 -25.88 4.64
C LYS A 66 -22.64 -26.22 4.69
N ILE A 67 -21.91 -25.50 5.52
CA ILE A 67 -20.49 -25.71 5.70
C ILE A 67 -20.28 -25.91 7.20
N GLY A 68 -19.52 -26.92 7.58
CA GLY A 68 -19.28 -27.19 8.99
C GLY A 68 -18.43 -28.42 9.26
N GLY A 69 -18.23 -28.73 10.54
CA GLY A 69 -17.41 -29.87 10.93
C GLY A 69 -17.72 -31.20 10.27
N ALA A 70 -18.92 -31.73 10.51
CA ALA A 70 -19.29 -33.02 9.93
C ALA A 70 -19.72 -32.89 8.49
N GLN A 71 -20.33 -31.77 8.15
CA GLN A 71 -20.76 -31.57 6.78
C GLN A 71 -19.57 -31.63 5.83
N ASN A 72 -18.46 -31.00 6.21
CA ASN A 72 -17.25 -31.00 5.41
C ASN A 72 -16.59 -32.37 5.34
N ARG A 73 -16.72 -33.16 6.40
CA ARG A 73 -16.15 -34.50 6.41
C ARG A 73 -16.93 -35.35 5.41
N SER A 74 -18.24 -35.10 5.35
CA SER A 74 -19.11 -35.82 4.45
C SER A 74 -18.90 -35.40 2.99
N TYR A 75 -18.69 -34.11 2.77
CA TYR A 75 -18.45 -33.62 1.42
C TYR A 75 -17.16 -34.22 0.91
N SER A 76 -16.17 -34.28 1.79
CA SER A 76 -14.86 -34.80 1.43
C SER A 76 -14.93 -36.25 0.99
N LYS A 77 -15.66 -37.05 1.76
CA LYS A 77 -15.83 -38.46 1.49
C LYS A 77 -16.45 -38.61 0.10
N LEU A 78 -17.52 -37.86 -0.15
CA LEU A 78 -18.23 -37.88 -1.42
C LEU A 78 -17.37 -37.39 -2.59
N LEU A 79 -16.85 -36.16 -2.50
CA LEU A 79 -16.06 -35.62 -3.60
C LEU A 79 -14.79 -36.42 -3.89
N CYS A 80 -14.06 -36.83 -2.86
CA CYS A 80 -12.87 -37.65 -3.11
C CYS A 80 -13.31 -38.94 -3.81
N GLY A 81 -14.50 -39.43 -3.44
CA GLY A 81 -15.02 -40.64 -4.04
C GLY A 81 -15.28 -40.49 -5.53
N LEU A 82 -15.98 -39.43 -5.91
CA LEU A 82 -16.31 -39.19 -7.32
C LEU A 82 -15.04 -38.94 -8.13
N LEU A 83 -14.09 -38.23 -7.54
CA LEU A 83 -12.84 -37.93 -8.23
C LEU A 83 -12.05 -39.23 -8.42
N ALA A 84 -12.05 -40.07 -7.40
CA ALA A 84 -11.33 -41.32 -7.47
C ALA A 84 -11.91 -42.22 -8.56
N GLU A 85 -13.23 -42.34 -8.57
CA GLU A 85 -13.92 -43.19 -9.52
C GLU A 85 -13.93 -42.64 -10.95
N ARG A 86 -14.33 -41.39 -11.09
CA ARG A 86 -14.43 -40.78 -12.40
C ARG A 86 -13.17 -40.24 -13.03
N LEU A 87 -12.25 -39.73 -12.22
CA LEU A 87 -11.01 -39.17 -12.76
C LEU A 87 -9.82 -40.03 -12.41
N ARG A 88 -10.06 -41.08 -11.62
CA ARG A 88 -8.97 -41.98 -11.26
C ARG A 88 -7.86 -41.31 -10.44
N ILE A 89 -8.24 -40.36 -9.60
CA ILE A 89 -7.29 -39.64 -8.76
C ILE A 89 -7.39 -40.21 -7.34
N SER A 90 -6.27 -40.65 -6.78
CA SER A 90 -6.24 -41.22 -5.43
C SER A 90 -6.62 -40.14 -4.40
N PRO A 91 -7.48 -40.45 -3.45
CA PRO A 91 -7.93 -39.53 -2.36
C PRO A 91 -6.84 -38.90 -1.47
N ASP A 92 -5.73 -39.62 -1.28
CA ASP A 92 -4.58 -39.09 -0.56
C ASP A 92 -3.83 -38.03 -1.39
N ARG A 93 -4.28 -37.78 -2.60
CA ARG A 93 -3.63 -36.77 -3.46
C ARG A 93 -4.64 -35.69 -3.88
N VAL A 94 -5.62 -35.46 -2.99
CA VAL A 94 -6.65 -34.46 -3.22
C VAL A 94 -6.84 -33.57 -1.98
N TYR A 95 -6.88 -32.26 -2.21
CA TYR A 95 -7.14 -31.28 -1.15
C TYR A 95 -8.39 -30.52 -1.60
N ILE A 96 -9.28 -30.26 -0.65
CA ILE A 96 -10.50 -29.50 -0.94
C ILE A 96 -10.63 -28.44 0.15
N ASN A 97 -10.59 -27.17 -0.24
CA ASN A 97 -10.72 -26.08 0.72
C ASN A 97 -12.22 -25.72 0.76
N TYR A 98 -12.78 -25.66 1.96
CA TYR A 98 -14.18 -25.32 2.11
C TYR A 98 -14.33 -23.86 2.55
N TYR A 99 -15.32 -23.17 1.98
CA TYR A 99 -15.57 -21.78 2.32
C TYR A 99 -17.03 -21.54 2.59
N ASP A 100 -17.33 -21.01 3.77
CA ASP A 100 -18.71 -20.68 4.14
C ASP A 100 -18.81 -19.19 3.84
N MET A 101 -19.52 -18.85 2.78
CA MET A 101 -19.68 -17.46 2.34
C MET A 101 -20.87 -16.71 2.93
N ASN A 102 -20.66 -15.45 3.34
CA ASN A 102 -21.78 -14.65 3.82
C ASN A 102 -22.53 -14.26 2.53
N ALA A 103 -23.86 -14.23 2.62
CA ALA A 103 -24.70 -13.85 1.47
C ALA A 103 -24.32 -12.50 0.87
N ALA A 104 -23.86 -11.57 1.71
CA ALA A 104 -23.48 -10.26 1.22
C ALA A 104 -22.23 -10.31 0.35
N ASN A 105 -21.47 -11.39 0.49
CA ASN A 105 -20.24 -11.52 -0.26
C ASN A 105 -20.34 -12.42 -1.47
N VAL A 106 -21.56 -12.68 -1.93
CA VAL A 106 -21.76 -13.50 -3.12
C VAL A 106 -22.64 -12.77 -4.13
N GLY A 107 -22.03 -12.36 -5.24
CA GLY A 107 -22.75 -11.66 -6.28
C GLY A 107 -23.31 -12.61 -7.32
N TRP A 108 -24.49 -12.28 -7.82
CA TRP A 108 -25.18 -13.09 -8.83
C TRP A 108 -26.36 -12.28 -9.39
N ASN A 109 -26.57 -12.37 -10.72
CA ASN A 109 -27.67 -11.68 -11.38
C ASN A 109 -27.84 -10.20 -11.00
N ASN A 110 -26.78 -9.43 -11.18
CA ASN A 110 -26.74 -7.99 -10.89
C ASN A 110 -26.95 -7.59 -9.43
N SER A 111 -26.85 -8.54 -8.52
CA SER A 111 -27.02 -8.23 -7.10
C SER A 111 -26.24 -9.20 -6.25
N THR A 112 -26.58 -9.25 -4.96
CA THR A 112 -25.94 -10.17 -4.03
C THR A 112 -27.07 -10.91 -3.34
N PHE A 113 -26.72 -11.92 -2.55
CA PHE A 113 -27.74 -12.69 -1.85
C PHE A 113 -28.11 -12.12 -0.49
N ALA A 114 -27.58 -10.94 -0.15
CA ALA A 114 -27.88 -10.34 1.13
C ALA A 114 -29.35 -9.94 1.17
N PRO B 1 -0.20 -27.91 2.94
CA PRO B 1 -0.28 -26.55 2.35
C PRO B 1 -0.33 -26.60 0.83
N MET B 2 -0.85 -25.54 0.20
CA MET B 2 -0.87 -25.50 -1.26
C MET B 2 -0.54 -24.10 -1.76
N PHE B 3 0.31 -24.06 -2.77
CA PHE B 3 0.74 -22.81 -3.36
C PHE B 3 0.39 -22.81 -4.84
N ILE B 4 -0.32 -21.77 -5.25
CA ILE B 4 -0.73 -21.61 -6.64
C ILE B 4 -0.17 -20.32 -7.23
N VAL B 5 0.38 -20.42 -8.44
CA VAL B 5 0.91 -19.26 -9.14
C VAL B 5 0.31 -19.15 -10.54
N ASN B 6 -0.36 -18.03 -10.80
CA ASN B 6 -0.96 -17.75 -12.11
C ASN B 6 -0.12 -16.63 -12.71
N THR B 7 0.35 -16.82 -13.94
CA THR B 7 1.19 -15.82 -14.54
C THR B 7 1.06 -15.73 -16.05
N ASN B 8 1.44 -14.58 -16.59
CA ASN B 8 1.35 -14.40 -18.03
C ASN B 8 2.61 -14.78 -18.78
N VAL B 9 3.66 -15.16 -18.05
CA VAL B 9 4.90 -15.55 -18.73
C VAL B 9 4.66 -16.90 -19.40
N PRO B 10 5.34 -17.16 -20.54
CA PRO B 10 5.13 -18.43 -21.23
C PRO B 10 5.62 -19.69 -20.51
N ARG B 11 5.02 -20.81 -20.88
CA ARG B 11 5.35 -22.11 -20.29
C ARG B 11 6.84 -22.39 -20.35
N ALA B 12 7.47 -22.04 -21.46
CA ALA B 12 8.91 -22.27 -21.63
C ALA B 12 9.75 -21.53 -20.60
N SER B 13 9.19 -20.48 -20.00
CA SER B 13 9.89 -19.69 -18.99
C SER B 13 10.01 -20.39 -17.65
N VAL B 14 9.22 -21.44 -17.47
CA VAL B 14 9.22 -22.19 -16.23
C VAL B 14 10.25 -23.30 -16.35
N PRO B 15 11.33 -23.22 -15.56
CA PRO B 15 12.40 -24.21 -15.58
C PRO B 15 11.95 -25.57 -15.04
N ASP B 16 12.60 -26.62 -15.54
CA ASP B 16 12.30 -27.99 -15.10
C ASP B 16 12.72 -28.12 -13.66
N GLY B 17 11.81 -28.59 -12.82
CA GLY B 17 12.13 -28.72 -11.41
C GLY B 17 11.67 -27.54 -10.60
N PHE B 18 11.05 -26.57 -11.27
CA PHE B 18 10.57 -25.41 -10.56
C PHE B 18 9.53 -25.83 -9.51
N LEU B 19 8.67 -26.80 -9.86
CA LEU B 19 7.67 -27.24 -8.91
C LEU B 19 8.31 -27.89 -7.69
N SER B 20 9.38 -28.65 -7.91
CA SER B 20 10.08 -29.31 -6.82
C SER B 20 10.76 -28.26 -5.94
N GLU B 21 11.28 -27.20 -6.55
CA GLU B 21 11.95 -26.15 -5.77
C GLU B 21 10.94 -25.48 -4.84
N LEU B 22 9.79 -25.13 -5.38
CA LEU B 22 8.72 -24.52 -4.59
C LEU B 22 8.35 -25.44 -3.43
N THR B 23 8.15 -26.72 -3.74
CA THR B 23 7.78 -27.69 -2.72
C THR B 23 8.78 -27.76 -1.57
N GLN B 24 10.05 -27.89 -1.91
CA GLN B 24 11.10 -28.00 -0.90
C GLN B 24 11.28 -26.71 -0.10
N GLN B 25 11.27 -25.58 -0.79
CA GLN B 25 11.43 -24.29 -0.13
C GLN B 25 10.25 -24.03 0.79
N LEU B 26 9.04 -24.29 0.32
CA LEU B 26 7.88 -24.08 1.18
C LEU B 26 7.90 -25.02 2.38
N ALA B 27 8.36 -26.25 2.18
CA ALA B 27 8.42 -27.20 3.30
C ALA B 27 9.34 -26.57 4.35
N GLN B 28 10.52 -26.18 3.90
CA GLN B 28 11.51 -25.56 4.76
C GLN B 28 10.93 -24.32 5.46
N ALA B 29 10.28 -23.46 4.69
CA ALA B 29 9.70 -22.23 5.25
C ALA B 29 8.55 -22.47 6.22
N THR B 30 7.67 -23.39 5.90
CA THR B 30 6.53 -23.68 6.77
C THR B 30 6.85 -24.69 7.85
N GLY B 31 7.91 -25.46 7.65
CA GLY B 31 8.26 -26.47 8.64
C GLY B 31 7.54 -27.78 8.38
N LYS B 32 6.54 -27.78 7.48
CA LYS B 32 5.79 -29.01 7.20
C LYS B 32 6.51 -29.92 6.21
N PRO B 33 6.27 -31.23 6.31
CA PRO B 33 6.92 -32.17 5.39
C PRO B 33 6.57 -31.83 3.96
N PRO B 34 7.53 -32.00 3.03
CA PRO B 34 7.29 -31.71 1.61
C PRO B 34 6.15 -32.57 1.11
N GLN B 35 6.00 -33.75 1.69
CA GLN B 35 4.95 -34.67 1.27
C GLN B 35 3.53 -34.11 1.41
N TYR B 36 3.34 -33.09 2.24
CA TYR B 36 2.02 -32.48 2.43
C TYR B 36 1.83 -31.24 1.56
N ILE B 37 2.87 -30.85 0.84
CA ILE B 37 2.83 -29.64 0.00
C ILE B 37 2.42 -29.86 -1.45
N ALA B 38 1.37 -29.17 -1.87
CA ALA B 38 0.93 -29.28 -3.25
C ALA B 38 1.23 -27.93 -3.90
N VAL B 39 1.73 -27.96 -5.13
CA VAL B 39 2.07 -26.73 -5.85
C VAL B 39 1.46 -26.76 -7.25
N HIS B 40 0.99 -25.61 -7.69
CA HIS B 40 0.33 -25.50 -8.99
C HIS B 40 0.79 -24.21 -9.71
N VAL B 41 1.32 -24.38 -10.93
CA VAL B 41 1.80 -23.25 -11.72
C VAL B 41 1.03 -23.16 -13.04
N VAL B 42 0.46 -21.99 -13.31
CA VAL B 42 -0.35 -21.78 -14.50
C VAL B 42 0.21 -20.62 -15.32
N PRO B 43 0.98 -20.94 -16.38
CA PRO B 43 1.59 -19.92 -17.25
C PRO B 43 0.68 -19.47 -18.38
N ASP B 44 1.21 -18.58 -19.21
CA ASP B 44 0.53 -18.02 -20.38
C ASP B 44 -0.87 -17.50 -20.14
N GLN B 45 -1.11 -16.96 -18.96
CA GLN B 45 -2.41 -16.43 -18.63
C GLN B 45 -2.64 -15.04 -19.22
N LEU B 46 -3.91 -14.68 -19.34
CA LEU B 46 -4.32 -13.37 -19.85
C LEU B 46 -4.55 -12.49 -18.62
N MET B 47 -3.54 -11.73 -18.22
CA MET B 47 -3.70 -10.89 -17.03
C MET B 47 -2.94 -9.58 -17.13
N ALA B 48 -3.27 -8.67 -16.22
CA ALA B 48 -2.61 -7.39 -16.22
C ALA B 48 -2.50 -6.94 -14.77
N PHE B 49 -1.51 -6.10 -14.50
CA PHE B 49 -1.26 -5.57 -13.17
C PHE B 49 -1.04 -4.09 -13.46
N GLY B 50 -1.89 -3.25 -12.87
CA GLY B 50 -1.80 -1.83 -13.09
C GLY B 50 -2.15 -1.51 -14.52
N GLY B 51 -2.89 -2.40 -15.15
CA GLY B 51 -3.28 -2.21 -16.54
C GLY B 51 -2.24 -2.74 -17.51
N SER B 52 -1.05 -3.02 -16.99
CA SER B 52 0.05 -3.50 -17.81
C SER B 52 0.12 -5.01 -17.98
N SER B 53 0.26 -5.44 -19.24
CA SER B 53 0.36 -6.85 -19.59
C SER B 53 1.81 -7.34 -19.59
N GLU B 54 2.69 -6.59 -18.94
CA GLU B 54 4.08 -6.98 -18.82
C GLU B 54 4.06 -8.12 -17.78
N PRO B 55 5.14 -8.90 -17.67
CA PRO B 55 5.19 -10.01 -16.71
C PRO B 55 4.71 -9.69 -15.30
N CYS B 56 3.78 -10.51 -14.81
CA CYS B 56 3.26 -10.34 -13.46
C CYS B 56 2.74 -11.69 -12.95
N ALA B 57 2.35 -11.74 -11.68
CA ALA B 57 1.82 -12.98 -11.13
C ALA B 57 0.85 -12.77 -9.98
N LEU B 58 -0.17 -13.64 -9.92
CA LEU B 58 -1.18 -13.62 -8.86
C LEU B 58 -1.08 -14.99 -8.22
N CYS B 59 -0.82 -15.00 -6.92
CA CYS B 59 -0.63 -16.24 -6.20
C CYS B 59 -1.43 -16.35 -4.92
N SER B 60 -1.44 -17.56 -4.38
CA SER B 60 -2.11 -17.81 -3.13
C SER B 60 -1.45 -18.97 -2.40
N LEU B 61 -1.36 -18.83 -1.09
CA LEU B 61 -0.79 -19.87 -0.26
C LEU B 61 -1.82 -20.20 0.82
N HIS B 62 -2.26 -21.45 0.82
CA HIS B 62 -3.23 -21.92 1.81
C HIS B 62 -2.49 -22.88 2.74
N SER B 63 -2.74 -22.75 4.04
CA SER B 63 -2.09 -23.62 5.00
C SER B 63 -2.84 -23.64 6.32
N ILE B 64 -2.83 -24.79 6.98
CA ILE B 64 -3.47 -24.94 8.27
C ILE B 64 -2.40 -24.47 9.25
N GLY B 65 -2.56 -23.25 9.73
CA GLY B 65 -1.58 -22.69 10.65
C GLY B 65 -0.34 -22.24 9.89
N LYS B 66 0.61 -21.62 10.61
CA LYS B 66 1.86 -21.16 10.02
C LYS B 66 1.61 -20.00 9.06
N ILE B 67 0.59 -19.21 9.36
CA ILE B 67 0.21 -18.04 8.57
C ILE B 67 0.04 -16.90 9.57
N GLY B 68 0.79 -15.80 9.38
CA GLY B 68 0.68 -14.67 10.29
C GLY B 68 1.41 -13.45 9.74
N GLY B 69 1.21 -12.30 10.39
CA GLY B 69 1.82 -11.08 9.91
C GLY B 69 3.30 -11.19 9.54
N ALA B 70 4.13 -11.37 10.52
CA ALA B 70 5.55 -11.53 10.25
C ALA B 70 5.88 -12.75 9.33
N GLN B 71 5.20 -13.90 9.53
CA GLN B 71 5.45 -15.10 8.69
C GLN B 71 5.13 -14.81 7.22
N ASN B 72 4.04 -14.09 6.97
CA ASN B 72 3.67 -13.78 5.59
C ASN B 72 4.71 -12.91 4.90
N ARG B 73 5.31 -11.98 5.64
CA ARG B 73 6.33 -11.13 5.05
C ARG B 73 7.52 -11.97 4.65
N SER B 74 7.87 -12.95 5.49
CA SER B 74 8.97 -13.85 5.19
C SER B 74 8.66 -14.72 3.97
N TYR B 75 7.43 -15.24 3.90
CA TYR B 75 7.02 -16.05 2.78
C TYR B 75 7.07 -15.24 1.48
N SER B 76 6.60 -14.01 1.58
CA SER B 76 6.60 -13.14 0.41
C SER B 76 8.02 -12.93 -0.11
N LYS B 77 8.96 -12.70 0.81
CA LYS B 77 10.34 -12.50 0.40
C LYS B 77 10.87 -13.74 -0.31
N LEU B 78 10.60 -14.90 0.28
CA LEU B 78 11.04 -16.16 -0.30
C LEU B 78 10.42 -16.38 -1.68
N LEU B 79 9.09 -16.35 -1.73
CA LEU B 79 8.36 -16.58 -2.97
C LEU B 79 8.65 -15.55 -4.05
N CYS B 80 8.69 -14.27 -3.68
CA CYS B 80 8.99 -13.26 -4.69
C CYS B 80 10.41 -13.48 -5.21
N GLY B 81 11.31 -13.89 -4.32
CA GLY B 81 12.67 -14.15 -4.74
C GLY B 81 12.73 -15.23 -5.80
N LEU B 82 11.99 -16.33 -5.59
CA LEU B 82 11.98 -17.42 -6.55
C LEU B 82 11.40 -17.03 -7.91
N LEU B 83 10.27 -16.32 -7.89
CA LEU B 83 9.61 -15.88 -9.12
C LEU B 83 10.50 -14.91 -9.91
N ALA B 84 11.21 -14.04 -9.21
CA ALA B 84 12.13 -13.12 -9.89
C ALA B 84 13.26 -13.90 -10.56
N GLU B 85 13.93 -14.74 -9.76
CA GLU B 85 15.08 -15.48 -10.25
C GLU B 85 14.75 -16.52 -11.30
N ARG B 86 13.69 -17.28 -11.10
CA ARG B 86 13.29 -18.34 -12.00
C ARG B 86 12.40 -17.95 -13.15
N LEU B 87 11.42 -17.07 -12.89
CA LEU B 87 10.50 -16.66 -13.95
C LEU B 87 10.73 -15.23 -14.43
N ARG B 88 11.66 -14.53 -13.79
CA ARG B 88 12.00 -13.16 -14.18
C ARG B 88 10.84 -12.18 -13.99
N ILE B 89 10.03 -12.39 -12.96
CA ILE B 89 8.92 -11.50 -12.68
C ILE B 89 9.35 -10.56 -11.56
N SER B 90 9.16 -9.26 -11.76
CA SER B 90 9.53 -8.28 -10.74
C SER B 90 8.63 -8.44 -9.51
N PRO B 91 9.23 -8.39 -8.31
CA PRO B 91 8.47 -8.52 -7.06
C PRO B 91 7.32 -7.52 -6.92
N ASP B 92 7.47 -6.34 -7.52
CA ASP B 92 6.43 -5.32 -7.40
C ASP B 92 5.24 -5.59 -8.31
N ARG B 93 5.30 -6.70 -9.04
CA ARG B 93 4.21 -7.07 -9.93
C ARG B 93 3.73 -8.47 -9.55
N VAL B 94 3.83 -8.79 -8.27
CA VAL B 94 3.41 -10.06 -7.71
C VAL B 94 2.53 -9.92 -6.49
N TYR B 95 1.34 -10.51 -6.54
CA TYR B 95 0.44 -10.50 -5.39
C TYR B 95 0.33 -11.94 -4.93
N ILE B 96 0.31 -12.15 -3.61
CA ILE B 96 0.18 -13.49 -3.02
C ILE B 96 -0.85 -13.36 -1.91
N ASN B 97 -1.99 -14.04 -2.03
CA ASN B 97 -2.98 -13.96 -0.96
C ASN B 97 -2.72 -15.12 -0.02
N TYR B 98 -2.65 -14.81 1.27
CA TYR B 98 -2.42 -15.84 2.27
C TYR B 98 -3.70 -16.25 2.94
N TYR B 99 -3.84 -17.56 3.18
CA TYR B 99 -5.02 -18.11 3.84
C TYR B 99 -4.67 -19.08 4.96
N ASP B 100 -5.09 -18.75 6.18
CA ASP B 100 -4.86 -19.62 7.34
C ASP B 100 -6.15 -20.41 7.43
N MET B 101 -6.11 -21.66 6.98
CA MET B 101 -7.30 -22.51 6.96
C MET B 101 -7.54 -23.27 8.26
N ASN B 102 -8.79 -23.35 8.70
CA ASN B 102 -9.15 -24.11 9.90
C ASN B 102 -9.06 -25.57 9.44
N ALA B 103 -8.54 -26.44 10.30
CA ALA B 103 -8.41 -27.85 9.96
C ALA B 103 -9.73 -28.46 9.50
N ALA B 104 -10.84 -27.96 10.04
CA ALA B 104 -12.18 -28.48 9.68
C ALA B 104 -12.59 -28.08 8.25
N ASN B 105 -11.94 -27.07 7.70
CA ASN B 105 -12.28 -26.60 6.36
C ASN B 105 -11.34 -27.04 5.27
N VAL B 106 -10.50 -28.02 5.56
CA VAL B 106 -9.60 -28.54 4.54
C VAL B 106 -9.83 -30.03 4.39
N GLY B 107 -10.34 -30.42 3.24
CA GLY B 107 -10.63 -31.81 2.99
C GLY B 107 -9.44 -32.54 2.39
N TRP B 108 -9.26 -33.80 2.76
CA TRP B 108 -8.15 -34.59 2.25
C TRP B 108 -8.40 -36.06 2.54
N ASN B 109 -8.21 -36.91 1.54
CA ASN B 109 -8.36 -38.35 1.75
C ASN B 109 -9.67 -38.78 2.40
N ASN B 110 -10.78 -38.40 1.78
CA ASN B 110 -12.13 -38.73 2.27
C ASN B 110 -12.56 -38.13 3.59
N SER B 111 -11.74 -37.27 4.17
CA SER B 111 -12.11 -36.64 5.43
C SER B 111 -11.51 -35.26 5.53
N THR B 112 -11.50 -34.70 6.74
CA THR B 112 -10.88 -33.45 7.02
C THR B 112 -9.75 -33.68 8.04
N PHE B 113 -9.18 -32.58 8.47
CA PHE B 113 -8.09 -32.59 9.43
C PHE B 113 -8.54 -32.26 10.83
N ALA B 114 -9.86 -32.06 11.01
CA ALA B 114 -10.37 -31.75 12.34
C ALA B 114 -10.63 -33.03 13.13
N PRO C 1 -6.08 -4.16 -5.40
CA PRO C 1 -7.01 -5.27 -5.43
C PRO C 1 -6.74 -6.21 -6.57
N MET C 2 -7.44 -7.28 -6.55
CA MET C 2 -7.25 -8.27 -7.55
C MET C 2 -8.64 -8.79 -8.08
N PHE C 3 -8.89 -8.90 -9.40
CA PHE C 3 -10.20 -9.40 -9.94
C PHE C 3 -9.96 -10.52 -10.92
N ILE C 4 -10.56 -11.68 -10.70
CA ILE C 4 -10.34 -12.83 -11.57
C ILE C 4 -11.66 -13.27 -12.19
N VAL C 5 -11.62 -13.61 -13.48
CA VAL C 5 -12.81 -14.08 -14.17
C VAL C 5 -12.50 -15.41 -14.86
N ASN C 6 -13.23 -16.45 -14.49
CA ASN C 6 -13.09 -17.75 -15.13
C ASN C 6 -14.36 -17.96 -15.96
N THR C 7 -14.20 -18.15 -17.26
CA THR C 7 -15.35 -18.31 -18.13
C THR C 7 -15.11 -19.36 -19.20
N ASN C 8 -16.20 -19.92 -19.72
CA ASN C 8 -16.13 -20.94 -20.75
C ASN C 8 -16.19 -20.36 -22.16
N VAL C 9 -16.35 -19.04 -22.29
CA VAL C 9 -16.41 -18.45 -23.64
C VAL C 9 -15.03 -18.51 -24.28
N PRO C 10 -14.99 -18.71 -25.61
CA PRO C 10 -13.75 -18.80 -26.40
C PRO C 10 -12.88 -17.58 -26.17
N ARG C 11 -11.57 -17.77 -26.24
CA ARG C 11 -10.63 -16.67 -26.04
C ARG C 11 -10.89 -15.57 -27.06
N ALA C 12 -11.19 -15.97 -28.30
CA ALA C 12 -11.44 -15.01 -29.37
C ALA C 12 -12.70 -14.17 -29.14
N SER C 13 -13.50 -14.55 -28.15
CA SER C 13 -14.71 -13.80 -27.81
C SER C 13 -14.39 -12.70 -26.79
N VAL C 14 -13.18 -12.71 -26.24
CA VAL C 14 -12.80 -11.73 -25.24
C VAL C 14 -12.21 -10.48 -25.91
N PRO C 15 -12.88 -9.32 -25.80
CA PRO C 15 -12.30 -8.15 -26.46
C PRO C 15 -10.91 -7.78 -25.91
N ASP C 16 -9.98 -7.45 -26.80
CA ASP C 16 -8.63 -7.10 -26.38
C ASP C 16 -8.56 -5.97 -25.35
N GLY C 17 -9.60 -5.15 -25.27
CA GLY C 17 -9.59 -4.06 -24.32
C GLY C 17 -10.26 -4.39 -23.01
N PHE C 18 -10.66 -5.66 -22.86
CA PHE C 18 -11.37 -6.07 -21.65
C PHE C 18 -10.59 -5.92 -20.32
N LEU C 19 -9.33 -6.35 -20.29
CA LEU C 19 -8.57 -6.22 -19.06
C LEU C 19 -8.41 -4.72 -18.71
N SER C 20 -8.25 -3.88 -19.73
CA SER C 20 -8.11 -2.45 -19.50
C SER C 20 -9.40 -1.80 -18.99
N GLU C 21 -10.52 -2.22 -19.58
CA GLU C 21 -11.82 -1.68 -19.16
C GLU C 21 -12.13 -2.11 -17.72
N LEU C 22 -11.86 -3.37 -17.40
CA LEU C 22 -12.09 -3.89 -16.06
C LEU C 22 -11.24 -3.11 -15.08
N THR C 23 -10.00 -2.85 -15.46
CA THR C 23 -9.11 -2.12 -14.58
C THR C 23 -9.64 -0.74 -14.29
N GLN C 24 -9.99 0.00 -15.35
CA GLN C 24 -10.51 1.35 -15.21
C GLN C 24 -11.83 1.40 -14.43
N GLN C 25 -12.76 0.50 -14.75
CA GLN C 25 -14.04 0.48 -14.06
C GLN C 25 -13.92 0.11 -12.60
N LEU C 26 -13.05 -0.84 -12.29
CA LEU C 26 -12.84 -1.24 -10.91
C LEU C 26 -12.20 -0.10 -10.11
N ALA C 27 -11.30 0.65 -10.76
CA ALA C 27 -10.63 1.79 -10.09
C ALA C 27 -11.70 2.77 -9.74
N GLN C 28 -12.48 3.05 -10.74
CA GLN C 28 -13.61 3.96 -10.58
C GLN C 28 -14.55 3.49 -9.48
N ALA C 29 -14.98 2.21 -9.42
CA ALA C 29 -15.91 1.72 -8.37
C ALA C 29 -15.36 1.53 -6.92
N THR C 30 -14.15 0.97 -6.81
CA THR C 30 -13.54 0.71 -5.51
C THR C 30 -12.81 1.92 -4.96
N GLY C 31 -12.44 2.84 -5.84
CA GLY C 31 -11.70 4.02 -5.43
C GLY C 31 -10.21 3.71 -5.31
N LYS C 32 -9.84 2.46 -5.54
CA LYS C 32 -8.43 2.06 -5.44
C LYS C 32 -7.64 2.56 -6.63
N PRO C 33 -6.36 2.91 -6.42
CA PRO C 33 -5.52 3.39 -7.53
C PRO C 33 -5.43 2.30 -8.61
N PRO C 34 -5.66 2.65 -9.88
CA PRO C 34 -5.60 1.67 -10.96
C PRO C 34 -4.25 0.96 -11.07
N GLN C 35 -3.18 1.61 -10.64
CA GLN C 35 -1.82 1.06 -10.73
C GLN C 35 -1.67 -0.18 -9.88
N TYR C 36 -2.58 -0.37 -8.93
CA TYR C 36 -2.54 -1.52 -8.03
C TYR C 36 -3.67 -2.52 -8.22
N ILE C 37 -4.41 -2.38 -9.30
CA ILE C 37 -5.51 -3.30 -9.59
C ILE C 37 -4.98 -4.34 -10.58
N ALA C 38 -5.06 -5.60 -10.20
CA ALA C 38 -4.63 -6.70 -11.06
C ALA C 38 -5.89 -7.39 -11.59
N VAL C 39 -5.92 -7.69 -12.88
CA VAL C 39 -7.07 -8.33 -13.49
C VAL C 39 -6.60 -9.56 -14.25
N HIS C 40 -7.41 -10.62 -14.21
CA HIS C 40 -7.06 -11.90 -14.80
C HIS C 40 -8.31 -12.53 -15.42
N VAL C 41 -8.27 -12.83 -16.71
CA VAL C 41 -9.40 -13.47 -17.37
C VAL C 41 -8.92 -14.80 -17.92
N VAL C 42 -9.66 -15.87 -17.61
CA VAL C 42 -9.29 -17.20 -18.02
C VAL C 42 -10.42 -17.77 -18.88
N PRO C 43 -10.29 -17.67 -20.21
CA PRO C 43 -11.28 -18.15 -21.19
C PRO C 43 -11.17 -19.65 -21.48
N ASP C 44 -12.08 -20.14 -22.32
CA ASP C 44 -12.13 -21.53 -22.75
C ASP C 44 -12.18 -22.59 -21.64
N GLN C 45 -12.77 -22.25 -20.51
CA GLN C 45 -12.85 -23.20 -19.41
C GLN C 45 -13.97 -24.21 -19.58
N LEU C 46 -13.81 -25.36 -18.94
CA LEU C 46 -14.80 -26.44 -18.94
C LEU C 46 -15.66 -26.14 -17.72
N MET C 47 -16.81 -25.51 -17.92
CA MET C 47 -17.68 -25.16 -16.80
C MET C 47 -19.14 -25.49 -17.03
N ALA C 48 -19.91 -25.42 -15.96
CA ALA C 48 -21.33 -25.65 -15.98
C ALA C 48 -21.96 -24.74 -14.94
N PHE C 49 -23.16 -24.25 -15.24
CA PHE C 49 -23.89 -23.40 -14.33
C PHE C 49 -25.31 -23.92 -14.45
N GLY C 50 -25.87 -24.39 -13.34
CA GLY C 50 -27.21 -24.93 -13.39
C GLY C 50 -27.24 -26.23 -14.19
N GLY C 51 -26.08 -26.86 -14.35
CA GLY C 51 -26.03 -28.11 -15.09
C GLY C 51 -25.85 -27.95 -16.59
N SER C 52 -25.97 -26.73 -17.10
CA SER C 52 -25.82 -26.47 -18.52
C SER C 52 -24.53 -25.72 -18.83
N SER C 53 -24.11 -25.73 -20.09
CA SER C 53 -22.86 -25.09 -20.45
C SER C 53 -22.91 -23.86 -21.36
N GLU C 54 -24.01 -23.10 -21.34
CA GLU C 54 -24.02 -21.88 -22.14
C GLU C 54 -23.01 -20.98 -21.42
N PRO C 55 -22.63 -19.83 -22.02
CA PRO C 55 -21.67 -18.92 -21.39
C PRO C 55 -22.00 -18.65 -19.93
N CYS C 56 -20.97 -18.70 -19.10
CA CYS C 56 -21.10 -18.47 -17.67
C CYS C 56 -19.75 -18.01 -17.14
N ALA C 57 -19.74 -17.59 -15.87
CA ALA C 57 -18.49 -17.12 -15.30
C ALA C 57 -18.48 -17.20 -13.77
N LEU C 58 -17.33 -17.56 -13.21
CA LEU C 58 -17.14 -17.63 -11.76
C LEU C 58 -16.02 -16.61 -11.53
N CYS C 59 -16.27 -15.61 -10.69
CA CYS C 59 -15.27 -14.58 -10.47
C CYS C 59 -15.03 -14.30 -9.00
N SER C 60 -13.99 -13.51 -8.74
CA SER C 60 -13.71 -13.13 -7.36
C SER C 60 -13.02 -11.80 -7.35
N LEU C 61 -13.40 -10.99 -6.37
CA LEU C 61 -12.81 -9.68 -6.21
C LEU C 61 -12.22 -9.67 -4.82
N HIS C 62 -10.90 -9.53 -4.75
CA HIS C 62 -10.21 -9.48 -3.46
C HIS C 62 -9.76 -8.04 -3.28
N SER C 63 -10.08 -7.45 -2.14
CA SER C 63 -9.70 -6.07 -1.90
C SER C 63 -9.43 -5.82 -0.42
N ILE C 64 -8.45 -4.97 -0.14
CA ILE C 64 -8.16 -4.63 1.26
C ILE C 64 -9.14 -3.49 1.51
N GLY C 65 -10.28 -3.83 2.09
CA GLY C 65 -11.30 -2.82 2.35
C GLY C 65 -12.10 -2.55 1.10
N LYS C 66 -13.09 -1.66 1.21
CA LYS C 66 -13.97 -1.29 0.11
C LYS C 66 -14.86 -2.48 -0.28
N ILE C 67 -15.12 -3.34 0.70
CA ILE C 67 -15.95 -4.51 0.51
C ILE C 67 -17.07 -4.45 1.55
N GLY C 68 -18.30 -4.67 1.12
CA GLY C 68 -19.42 -4.62 2.04
C GLY C 68 -20.77 -4.74 1.36
N GLY C 69 -21.81 -4.82 2.19
CA GLY C 69 -23.17 -4.97 1.69
C GLY C 69 -23.50 -4.15 0.46
N ALA C 70 -23.55 -2.83 0.64
CA ALA C 70 -23.89 -1.92 -0.44
C ALA C 70 -22.88 -1.89 -1.57
N GLN C 71 -21.60 -1.92 -1.21
CA GLN C 71 -20.55 -1.88 -2.22
C GLN C 71 -20.62 -3.12 -3.09
N ASN C 72 -20.76 -4.27 -2.46
CA ASN C 72 -20.83 -5.51 -3.22
C ASN C 72 -22.02 -5.55 -4.15
N ARG C 73 -23.12 -4.91 -3.75
CA ARG C 73 -24.29 -4.91 -4.64
C ARG C 73 -23.97 -4.08 -5.87
N SER C 74 -23.31 -2.94 -5.66
CA SER C 74 -22.97 -2.06 -6.76
C SER C 74 -21.93 -2.70 -7.68
N TYR C 75 -20.93 -3.37 -7.09
CA TYR C 75 -19.91 -4.01 -7.91
C TYR C 75 -20.57 -5.08 -8.78
N SER C 76 -21.47 -5.87 -8.18
CA SER C 76 -22.16 -6.94 -8.90
C SER C 76 -22.92 -6.44 -10.13
N LYS C 77 -23.61 -5.32 -9.96
CA LYS C 77 -24.36 -4.75 -11.07
C LYS C 77 -23.39 -4.27 -12.13
N LEU C 78 -22.31 -3.65 -11.66
CA LEU C 78 -21.29 -3.12 -12.55
C LEU C 78 -20.58 -4.22 -13.32
N LEU C 79 -20.15 -5.25 -12.61
CA LEU C 79 -19.42 -6.34 -13.23
C LEU C 79 -20.28 -7.24 -14.10
N CYS C 80 -21.48 -7.57 -13.64
CA CYS C 80 -22.39 -8.38 -14.44
C CYS C 80 -22.71 -7.64 -15.73
N GLY C 81 -22.86 -6.33 -15.63
CA GLY C 81 -23.14 -5.52 -16.80
C GLY C 81 -22.02 -5.65 -17.82
N LEU C 82 -20.79 -5.52 -17.35
CA LEU C 82 -19.62 -5.63 -18.23
C LEU C 82 -19.50 -7.00 -18.87
N LEU C 83 -19.70 -8.04 -18.07
CA LEU C 83 -19.62 -9.42 -18.57
C LEU C 83 -20.72 -9.68 -19.62
N ALA C 84 -21.90 -9.14 -19.36
CA ALA C 84 -23.00 -9.30 -20.31
C ALA C 84 -22.67 -8.53 -21.59
N GLU C 85 -22.30 -7.27 -21.42
CA GLU C 85 -22.00 -6.43 -22.57
C GLU C 85 -20.82 -6.88 -23.43
N ARG C 86 -19.71 -7.28 -22.81
CA ARG C 86 -18.50 -7.67 -23.56
C ARG C 86 -18.36 -9.15 -23.93
N LEU C 87 -18.85 -10.02 -23.07
CA LEU C 87 -18.75 -11.46 -23.31
C LEU C 87 -20.09 -12.14 -23.57
N ARG C 88 -21.17 -11.36 -23.55
CA ARG C 88 -22.52 -11.88 -23.75
C ARG C 88 -22.93 -12.89 -22.69
N ILE C 89 -22.30 -12.83 -21.52
CA ILE C 89 -22.63 -13.73 -20.41
C ILE C 89 -23.82 -13.19 -19.62
N SER C 90 -24.89 -13.97 -19.54
CA SER C 90 -26.08 -13.51 -18.81
C SER C 90 -25.75 -13.31 -17.33
N PRO C 91 -26.27 -12.23 -16.72
CA PRO C 91 -25.99 -11.99 -15.30
C PRO C 91 -26.43 -13.15 -14.43
N ASP C 92 -27.47 -13.86 -14.86
CA ASP C 92 -27.93 -14.97 -14.04
C ASP C 92 -27.03 -16.20 -14.12
N ARG C 93 -25.96 -16.12 -14.92
CA ARG C 93 -25.01 -17.24 -15.01
C ARG C 93 -23.62 -16.76 -14.60
N VAL C 94 -23.60 -15.86 -13.61
CA VAL C 94 -22.37 -15.30 -13.09
C VAL C 94 -22.36 -15.32 -11.57
N TYR C 95 -21.25 -15.77 -11.00
CA TYR C 95 -21.07 -15.76 -9.56
C TYR C 95 -19.83 -14.90 -9.30
N ILE C 96 -19.92 -14.03 -8.30
CA ILE C 96 -18.78 -13.19 -7.92
C ILE C 96 -18.58 -13.28 -6.41
N ASN C 97 -17.48 -13.90 -5.98
CA ASN C 97 -17.18 -14.00 -4.56
C ASN C 97 -16.35 -12.80 -4.17
N TYR C 98 -16.80 -12.11 -3.13
CA TYR C 98 -16.08 -10.94 -2.64
C TYR C 98 -15.27 -11.29 -1.40
N TYR C 99 -14.06 -10.74 -1.33
CA TYR C 99 -13.19 -11.03 -0.20
C TYR C 99 -12.56 -9.76 0.36
N ASP C 100 -12.81 -9.46 1.63
CA ASP C 100 -12.23 -8.29 2.29
C ASP C 100 -10.93 -8.82 2.91
N MET C 101 -9.81 -8.57 2.24
CA MET C 101 -8.53 -9.08 2.72
C MET C 101 -7.90 -8.23 3.79
N ASN C 102 -7.35 -8.87 4.83
CA ASN C 102 -6.58 -8.16 5.81
C ASN C 102 -5.29 -7.82 5.08
N ALA C 103 -4.75 -6.62 5.22
CA ALA C 103 -3.53 -6.25 4.52
C ALA C 103 -2.38 -7.20 4.85
N ALA C 104 -2.37 -7.72 6.07
CA ALA C 104 -1.32 -8.62 6.51
C ALA C 104 -1.33 -9.92 5.71
N ASN C 105 -2.45 -10.19 5.04
CA ASN C 105 -2.57 -11.41 4.26
C ASN C 105 -2.47 -11.19 2.77
N VAL C 106 -1.88 -10.07 2.37
CA VAL C 106 -1.67 -9.77 0.96
C VAL C 106 -0.19 -9.49 0.73
N GLY C 107 0.50 -10.49 0.18
CA GLY C 107 1.91 -10.35 -0.10
C GLY C 107 2.13 -9.56 -1.37
N TRP C 108 3.26 -8.87 -1.43
CA TRP C 108 3.61 -8.04 -2.57
C TRP C 108 4.99 -7.42 -2.37
N ASN C 109 5.75 -7.34 -3.46
CA ASN C 109 7.08 -6.72 -3.41
C ASN C 109 7.88 -7.22 -2.21
N ASN C 110 8.03 -8.54 -2.10
CA ASN C 110 8.79 -9.15 -1.01
C ASN C 110 8.30 -8.89 0.40
N SER C 111 7.06 -8.44 0.55
CA SER C 111 6.52 -8.19 1.89
C SER C 111 5.00 -8.30 1.83
N THR C 112 4.33 -7.54 2.67
CA THR C 112 2.88 -7.53 2.69
C THR C 112 2.51 -6.08 2.75
N PHE C 113 1.20 -5.82 2.78
CA PHE C 113 0.72 -4.44 2.84
C PHE C 113 0.47 -4.03 4.28
N ALA C 114 1.00 -4.82 5.22
CA ALA C 114 0.86 -4.52 6.65
C ALA C 114 2.17 -4.77 7.39
N PRO D 1 15.81 6.66 12.01
CA PRO D 1 15.11 7.12 10.80
C PRO D 1 13.73 7.68 11.11
N MET D 2 13.24 8.57 10.26
CA MET D 2 11.92 9.14 10.44
C MET D 2 11.25 9.32 9.10
N PHE D 3 9.97 8.94 9.06
CA PHE D 3 9.16 9.00 7.85
C PHE D 3 7.91 9.80 8.16
N ILE D 4 7.67 10.80 7.33
CA ILE D 4 6.53 11.68 7.50
C ILE D 4 5.66 11.64 6.26
N VAL D 5 4.35 11.56 6.46
CA VAL D 5 3.43 11.55 5.34
C VAL D 5 2.40 12.65 5.53
N ASN D 6 2.34 13.60 4.60
CA ASN D 6 1.36 14.70 4.62
C ASN D 6 0.41 14.40 3.49
N THR D 7 -0.88 14.30 3.81
CA THR D 7 -1.86 13.96 2.79
C THR D 7 -3.20 14.64 3.03
N ASN D 8 -3.98 14.76 1.95
CA ASN D 8 -5.30 15.37 2.03
C ASN D 8 -6.39 14.34 2.35
N VAL D 9 -6.03 13.05 2.50
CA VAL D 9 -7.06 12.06 2.82
C VAL D 9 -7.51 12.27 4.27
N PRO D 10 -8.77 11.94 4.58
CA PRO D 10 -9.25 12.14 5.96
C PRO D 10 -8.64 11.20 6.99
N ARG D 11 -8.50 11.71 8.21
CA ARG D 11 -7.96 10.95 9.31
C ARG D 11 -8.62 9.59 9.42
N ALA D 12 -9.95 9.57 9.30
CA ALA D 12 -10.71 8.33 9.41
C ALA D 12 -10.24 7.25 8.45
N SER D 13 -9.55 7.63 7.37
CA SER D 13 -9.08 6.64 6.41
C SER D 13 -7.72 6.03 6.78
N VAL D 14 -7.10 6.54 7.85
CA VAL D 14 -5.82 5.98 8.28
C VAL D 14 -6.16 4.76 9.11
N PRO D 15 -5.77 3.56 8.63
CA PRO D 15 -6.08 2.33 9.37
C PRO D 15 -5.43 2.24 10.74
N ASP D 16 -6.16 1.65 11.69
CA ASP D 16 -5.64 1.51 13.05
C ASP D 16 -4.37 0.69 12.99
N GLY D 17 -3.37 1.09 13.75
CA GLY D 17 -2.12 0.36 13.77
C GLY D 17 -1.25 0.50 12.54
N PHE D 18 -1.59 1.45 11.70
CA PHE D 18 -0.83 1.69 10.47
C PHE D 18 0.56 2.22 10.84
N LEU D 19 0.62 3.04 11.90
CA LEU D 19 1.89 3.58 12.34
C LEU D 19 2.87 2.48 12.72
N SER D 20 2.38 1.47 13.43
CA SER D 20 3.25 0.37 13.83
C SER D 20 3.64 -0.48 12.63
N GLU D 21 2.72 -0.62 11.68
CA GLU D 21 3.02 -1.41 10.48
C GLU D 21 4.10 -0.71 9.65
N LEU D 22 3.97 0.61 9.52
CA LEU D 22 4.97 1.38 8.78
C LEU D 22 6.31 1.23 9.48
N THR D 23 6.28 1.27 10.80
CA THR D 23 7.53 1.15 11.56
C THR D 23 8.26 -0.15 11.25
N GLN D 24 7.54 -1.26 11.27
CA GLN D 24 8.14 -2.57 11.00
C GLN D 24 8.61 -2.71 9.55
N GLN D 25 7.85 -2.14 8.62
CA GLN D 25 8.21 -2.18 7.20
C GLN D 25 9.52 -1.42 6.99
N LEU D 26 9.62 -0.24 7.60
CA LEU D 26 10.82 0.56 7.48
C LEU D 26 12.02 -0.08 8.17
N ALA D 27 11.78 -0.77 9.29
CA ALA D 27 12.86 -1.43 9.99
C ALA D 27 13.48 -2.47 9.05
N GLN D 28 12.60 -3.24 8.40
CA GLN D 28 13.02 -4.28 7.46
C GLN D 28 13.69 -3.66 6.24
N ALA D 29 13.09 -2.59 5.75
CA ALA D 29 13.60 -1.89 4.57
C ALA D 29 14.99 -1.31 4.82
N THR D 30 15.15 -0.59 5.91
CA THR D 30 16.42 0.04 6.22
C THR D 30 17.42 -0.87 6.94
N GLY D 31 16.94 -1.96 7.51
CA GLY D 31 17.88 -2.82 8.26
C GLY D 31 18.11 -2.32 9.68
N LYS D 32 17.50 -1.23 10.04
CA LYS D 32 17.70 -0.73 11.37
C LYS D 32 16.64 -1.23 12.38
N PRO D 33 16.98 -1.32 13.64
CA PRO D 33 16.01 -1.81 14.63
C PRO D 33 14.77 -0.90 14.64
N PRO D 34 13.58 -1.49 14.73
CA PRO D 34 12.40 -0.63 14.74
C PRO D 34 12.33 0.32 15.91
N GLN D 35 13.04 -0.01 16.98
CA GLN D 35 13.05 0.84 18.16
C GLN D 35 13.59 2.23 17.83
N TYR D 36 14.30 2.35 16.71
CA TYR D 36 14.87 3.64 16.30
C TYR D 36 14.03 4.37 15.25
N ILE D 37 13.00 3.71 14.72
CA ILE D 37 12.18 4.32 13.68
C ILE D 37 11.01 5.15 14.22
N ALA D 38 10.86 6.36 13.69
CA ALA D 38 9.76 7.22 14.07
C ALA D 38 8.92 7.44 12.82
N VAL D 39 7.60 7.48 13.01
CA VAL D 39 6.67 7.68 11.92
C VAL D 39 5.67 8.76 12.28
N HIS D 40 5.25 9.53 11.28
CA HIS D 40 4.32 10.61 11.48
C HIS D 40 3.39 10.70 10.26
N VAL D 41 2.08 10.62 10.51
CA VAL D 41 1.12 10.70 9.42
C VAL D 41 0.22 11.91 9.66
N VAL D 42 0.12 12.76 8.64
CA VAL D 42 -0.65 14.00 8.74
C VAL D 42 -1.80 14.09 7.73
N PRO D 43 -3.02 13.68 8.15
CA PRO D 43 -4.23 13.69 7.34
C PRO D 43 -4.92 15.04 7.24
N ASP D 44 -5.96 15.09 6.40
CA ASP D 44 -6.81 16.26 6.17
C ASP D 44 -6.12 17.57 5.78
N GLN D 45 -5.01 17.47 5.06
CA GLN D 45 -4.27 18.65 4.64
C GLN D 45 -4.86 19.33 3.43
N LEU D 46 -4.63 20.63 3.34
CA LEU D 46 -5.12 21.40 2.20
C LEU D 46 -3.99 21.27 1.18
N MET D 47 -4.21 20.47 0.13
CA MET D 47 -3.15 20.28 -0.86
C MET D 47 -3.66 20.15 -2.28
N ALA D 48 -2.75 20.32 -3.22
CA ALA D 48 -3.04 20.15 -4.64
C ALA D 48 -1.79 19.55 -5.26
N PHE D 49 -1.97 18.79 -6.34
CA PHE D 49 -0.87 18.16 -7.06
C PHE D 49 -1.30 18.35 -8.51
N GLY D 50 -0.54 19.16 -9.24
CA GLY D 50 -0.90 19.42 -10.61
C GLY D 50 -2.14 20.27 -10.64
N GLY D 51 -2.40 20.99 -9.54
CA GLY D 51 -3.57 21.85 -9.50
C GLY D 51 -4.89 21.21 -9.10
N SER D 52 -4.93 19.89 -8.96
CA SER D 52 -6.17 19.22 -8.59
C SER D 52 -6.02 18.61 -7.21
N SER D 53 -7.15 18.31 -6.56
CA SER D 53 -7.04 17.80 -5.21
C SER D 53 -7.53 16.41 -4.92
N GLU D 54 -7.36 15.52 -5.87
CA GLU D 54 -7.67 14.13 -5.60
C GLU D 54 -6.65 13.71 -4.58
N PRO D 55 -6.78 12.54 -3.93
CA PRO D 55 -5.76 12.12 -2.96
C PRO D 55 -4.32 12.28 -3.46
N CYS D 56 -3.44 12.74 -2.58
CA CYS D 56 -2.03 12.93 -2.90
C CYS D 56 -1.23 12.93 -1.59
N ALA D 57 0.09 12.92 -1.69
CA ALA D 57 0.91 12.93 -0.49
C ALA D 57 2.31 13.47 -0.76
N LEU D 58 2.82 14.20 0.20
CA LEU D 58 4.14 14.76 0.20
C LEU D 58 4.80 14.09 1.41
N CYS D 59 5.85 13.32 1.17
CA CYS D 59 6.51 12.57 2.24
C CYS D 59 8.04 12.79 2.33
N SER D 60 8.62 12.29 3.44
CA SER D 60 10.03 12.38 3.82
C SER D 60 10.53 11.23 4.57
N LEU D 61 11.69 10.84 4.16
CA LEU D 61 12.41 9.83 4.81
C LEU D 61 13.78 10.37 5.12
N HIS D 62 14.07 10.51 6.44
CA HIS D 62 15.37 10.97 6.92
C HIS D 62 16.04 9.77 7.58
N SER D 63 17.30 9.53 7.25
CA SER D 63 18.03 8.40 7.84
C SER D 63 19.53 8.66 7.86
N ILE D 64 20.18 8.20 8.92
CA ILE D 64 21.60 8.31 9.00
C ILE D 64 22.15 7.13 8.21
N GLY D 65 22.50 7.34 6.93
CA GLY D 65 22.94 6.17 6.11
C GLY D 65 21.71 5.39 5.59
N LYS D 66 21.84 4.31 4.79
CA LYS D 66 20.70 3.53 4.31
C LYS D 66 19.82 4.35 3.34
N ILE D 67 20.56 5.31 2.74
CA ILE D 67 20.10 6.24 1.66
C ILE D 67 21.03 6.17 0.44
N GLY D 68 20.43 6.15 -0.75
CA GLY D 68 21.24 6.09 -1.96
C GLY D 68 20.40 5.79 -3.19
N GLY D 69 20.99 5.89 -4.37
CA GLY D 69 20.26 5.59 -5.56
C GLY D 69 19.36 4.36 -5.57
N ALA D 70 19.86 3.16 -5.26
CA ALA D 70 19.09 1.92 -5.33
C ALA D 70 18.14 1.73 -4.22
N GLN D 71 18.62 2.20 -3.05
CA GLN D 71 17.89 2.11 -1.83
C GLN D 71 16.68 3.02 -1.90
N ASN D 72 16.90 4.27 -2.37
CA ASN D 72 15.80 5.23 -2.45
C ASN D 72 14.77 4.71 -3.45
N ARG D 73 15.27 4.09 -4.51
CA ARG D 73 14.36 3.54 -5.50
C ARG D 73 13.59 2.38 -4.88
N SER D 74 14.25 1.59 -4.05
CA SER D 74 13.59 0.47 -3.40
C SER D 74 12.55 0.98 -2.40
N TYR D 75 12.89 2.01 -1.64
CA TYR D 75 11.93 2.54 -0.67
C TYR D 75 10.70 3.12 -1.36
N SER D 76 10.91 3.81 -2.47
CA SER D 76 9.81 4.44 -3.19
C SER D 76 8.77 3.40 -3.60
N LYS D 77 9.22 2.26 -4.11
CA LYS D 77 8.29 1.20 -4.49
C LYS D 77 7.50 0.76 -3.26
N LEU D 78 8.20 0.34 -2.23
CA LEU D 78 7.56 -0.10 -1.00
C LEU D 78 6.55 0.90 -0.45
N LEU D 79 7.00 2.13 -0.25
CA LEU D 79 6.15 3.17 0.31
C LEU D 79 4.95 3.56 -0.57
N CYS D 80 5.16 3.67 -1.88
CA CYS D 80 4.05 4.01 -2.75
C CYS D 80 2.96 2.95 -2.65
N GLY D 81 3.34 1.67 -2.58
CA GLY D 81 2.36 0.60 -2.49
C GLY D 81 1.52 0.71 -1.24
N LEU D 82 2.20 0.98 -0.12
CA LEU D 82 1.52 1.10 1.15
C LEU D 82 0.54 2.28 1.12
N LEU D 83 0.96 3.39 0.54
CA LEU D 83 0.10 4.57 0.47
C LEU D 83 -1.08 4.31 -0.46
N ALA D 84 -0.85 3.54 -1.51
CA ALA D 84 -1.93 3.26 -2.46
C ALA D 84 -2.98 2.31 -1.88
N GLU D 85 -2.53 1.17 -1.38
CA GLU D 85 -3.47 0.18 -0.83
C GLU D 85 -4.00 0.47 0.56
N ARG D 86 -3.31 1.28 1.34
CA ARG D 86 -3.78 1.56 2.70
C ARG D 86 -4.45 2.94 2.85
N LEU D 87 -4.02 3.92 2.05
CA LEU D 87 -4.59 5.27 2.11
C LEU D 87 -5.28 5.71 0.81
N ARG D 88 -5.33 4.82 -0.19
CA ARG D 88 -5.97 5.15 -1.47
C ARG D 88 -5.31 6.28 -2.24
N ILE D 89 -4.00 6.40 -2.15
CA ILE D 89 -3.32 7.48 -2.87
C ILE D 89 -2.56 6.92 -4.07
N SER D 90 -2.91 7.38 -5.27
CA SER D 90 -2.23 6.87 -6.46
C SER D 90 -0.76 7.30 -6.47
N PRO D 91 0.13 6.40 -6.90
CA PRO D 91 1.56 6.70 -6.94
C PRO D 91 1.99 7.90 -7.76
N ASP D 92 1.24 8.25 -8.80
CA ASP D 92 1.60 9.39 -9.63
C ASP D 92 1.30 10.70 -8.91
N ARG D 93 0.74 10.59 -7.71
CA ARG D 93 0.38 11.76 -6.93
C ARG D 93 1.05 11.75 -5.54
N VAL D 94 2.26 11.18 -5.51
CA VAL D 94 3.06 11.06 -4.31
C VAL D 94 4.51 11.52 -4.55
N TYR D 95 5.05 12.33 -3.65
CA TYR D 95 6.45 12.74 -3.72
C TYR D 95 7.08 12.30 -2.41
N ILE D 96 8.28 11.74 -2.50
CA ILE D 96 9.01 11.34 -1.31
C ILE D 96 10.42 11.92 -1.42
N ASN D 97 10.78 12.79 -0.47
CA ASN D 97 12.11 13.39 -0.47
C ASN D 97 12.96 12.56 0.48
N TYR D 98 14.11 12.11 0.00
CA TYR D 98 15.02 11.31 0.83
C TYR D 98 16.13 12.20 1.36
N TYR D 99 16.47 12.02 2.63
CA TYR D 99 17.54 12.78 3.25
C TYR D 99 18.56 11.88 3.93
N ASP D 100 19.81 12.00 3.54
CA ASP D 100 20.89 11.21 4.14
C ASP D 100 21.50 12.14 5.18
N MET D 101 21.12 11.95 6.43
CA MET D 101 21.60 12.81 7.51
C MET D 101 22.96 12.44 8.07
N ASN D 102 23.78 13.45 8.34
CA ASN D 102 25.08 13.23 8.96
C ASN D 102 24.77 12.94 10.43
N ALA D 103 25.48 11.97 11.00
CA ALA D 103 25.28 11.59 12.41
C ALA D 103 25.36 12.81 13.33
N ALA D 104 26.18 13.78 12.93
CA ALA D 104 26.35 14.99 13.72
C ALA D 104 25.13 15.90 13.62
N ASN D 105 24.31 15.69 12.59
CA ASN D 105 23.15 16.53 12.40
C ASN D 105 21.80 15.96 12.84
N VAL D 106 21.82 14.89 13.63
CA VAL D 106 20.57 14.34 14.15
C VAL D 106 20.68 14.28 15.67
N GLY D 107 19.82 15.02 16.35
CA GLY D 107 19.83 15.03 17.81
C GLY D 107 18.87 14.00 18.39
N TRP D 108 19.19 13.48 19.57
CA TRP D 108 18.36 12.48 20.22
C TRP D 108 18.84 12.21 21.63
N ASN D 109 17.91 12.08 22.55
CA ASN D 109 18.24 11.76 23.93
C ASN D 109 19.43 12.58 24.44
N ASN D 110 19.27 13.90 24.36
CA ASN D 110 20.25 14.88 24.82
C ASN D 110 21.60 15.03 24.12
N SER D 111 21.80 14.29 23.03
CA SER D 111 23.06 14.39 22.28
C SER D 111 22.76 14.16 20.80
N THR D 112 23.75 13.70 20.04
CA THR D 112 23.57 13.43 18.61
C THR D 112 24.12 12.04 18.34
N PHE D 113 24.53 11.76 17.10
CA PHE D 113 25.05 10.43 16.82
C PHE D 113 26.51 10.45 16.41
N ALA D 114 27.15 11.60 16.62
CA ALA D 114 28.56 11.73 16.29
C ALA D 114 29.36 11.83 17.59
N PRO E 1 8.41 19.50 -8.45
CA PRO E 1 8.68 20.56 -7.46
C PRO E 1 7.55 20.57 -6.43
N MET E 2 7.84 21.10 -5.24
CA MET E 2 6.82 21.16 -4.20
C MET E 2 6.99 22.40 -3.33
N PHE E 3 5.88 23.04 -3.00
CA PHE E 3 5.91 24.24 -2.20
C PHE E 3 4.96 24.07 -1.03
N ILE E 4 5.46 24.31 0.18
CA ILE E 4 4.67 24.16 1.37
C ILE E 4 4.71 25.47 2.14
N VAL E 5 3.56 25.87 2.67
CA VAL E 5 3.42 27.08 3.46
C VAL E 5 2.76 26.77 4.80
N ASN E 6 3.45 27.08 5.88
CA ASN E 6 2.93 26.89 7.24
C ASN E 6 2.69 28.29 7.80
N THR E 7 1.46 28.56 8.21
CA THR E 7 1.14 29.89 8.72
C THR E 7 0.18 29.86 9.90
N ASN E 8 0.15 30.96 10.65
CA ASN E 8 -0.75 31.06 11.79
C ASN E 8 -2.08 31.75 11.44
N VAL E 9 -2.24 32.18 10.19
CA VAL E 9 -3.49 32.82 9.81
C VAL E 9 -4.54 31.73 9.65
N PRO E 10 -5.78 32.01 10.09
CA PRO E 10 -6.85 31.02 9.99
C PRO E 10 -7.16 30.52 8.58
N ARG E 11 -7.81 29.37 8.51
CA ARG E 11 -8.16 28.74 7.25
C ARG E 11 -9.05 29.67 6.42
N ALA E 12 -10.04 30.29 7.07
CA ALA E 12 -10.96 31.19 6.39
C ALA E 12 -10.26 32.38 5.73
N SER E 13 -9.02 32.64 6.13
CA SER E 13 -8.27 33.75 5.56
C SER E 13 -7.53 33.35 4.28
N VAL E 14 -7.49 32.04 4.00
CA VAL E 14 -6.84 31.56 2.80
C VAL E 14 -7.92 31.55 1.73
N PRO E 15 -7.78 32.41 0.72
CA PRO E 15 -8.70 32.58 -0.40
C PRO E 15 -8.91 31.37 -1.30
N ASP E 16 -10.15 31.13 -1.68
CA ASP E 16 -10.47 30.04 -2.59
C ASP E 16 -9.61 30.28 -3.82
N GLY E 17 -9.01 29.22 -4.34
CA GLY E 17 -8.17 29.35 -5.52
C GLY E 17 -6.70 29.66 -5.21
N PHE E 18 -6.37 29.80 -3.94
CA PHE E 18 -4.98 30.10 -3.59
C PHE E 18 -4.02 28.98 -4.02
N LEU E 19 -4.43 27.72 -3.88
CA LEU E 19 -3.57 26.61 -4.28
C LEU E 19 -3.33 26.65 -5.78
N SER E 20 -4.35 27.04 -6.54
CA SER E 20 -4.20 27.12 -7.99
C SER E 20 -3.28 28.28 -8.38
N GLU E 21 -3.44 29.42 -7.71
CA GLU E 21 -2.59 30.57 -8.00
C GLU E 21 -1.13 30.20 -7.73
N LEU E 22 -0.87 29.55 -6.59
CA LEU E 22 0.48 29.12 -6.24
C LEU E 22 1.04 28.23 -7.35
N THR E 23 0.29 27.18 -7.67
CA THR E 23 0.69 26.25 -8.72
C THR E 23 1.06 26.99 -9.99
N GLN E 24 0.18 27.91 -10.39
CA GLN E 24 0.40 28.71 -11.60
C GLN E 24 1.64 29.61 -11.54
N GLN E 25 1.74 30.43 -10.50
CA GLN E 25 2.87 31.34 -10.35
C GLN E 25 4.19 30.58 -10.29
N LEU E 26 4.19 29.42 -9.64
CA LEU E 26 5.41 28.61 -9.53
C LEU E 26 5.79 28.01 -10.87
N ALA E 27 4.79 27.57 -11.62
CA ALA E 27 5.03 27.01 -12.93
C ALA E 27 5.76 28.08 -13.75
N GLN E 28 5.23 29.30 -13.71
CA GLN E 28 5.85 30.40 -14.44
C GLN E 28 7.24 30.71 -13.88
N ALA E 29 7.33 30.87 -12.57
CA ALA E 29 8.59 31.19 -11.92
C ALA E 29 9.72 30.20 -12.18
N THR E 30 9.43 28.91 -12.05
CA THR E 30 10.42 27.86 -12.24
C THR E 30 10.61 27.39 -13.68
N GLY E 31 9.64 27.72 -14.53
CA GLY E 31 9.73 27.28 -15.90
C GLY E 31 9.39 25.81 -16.03
N LYS E 32 9.00 25.23 -14.92
CA LYS E 32 8.61 23.79 -14.95
C LYS E 32 7.06 23.70 -15.25
N PRO E 33 6.53 22.63 -15.85
CA PRO E 33 5.06 22.52 -16.13
C PRO E 33 4.24 22.39 -14.86
N PRO E 34 2.98 22.85 -14.84
CA PRO E 34 2.21 22.74 -13.59
C PRO E 34 1.72 21.33 -13.25
N GLN E 35 1.74 20.43 -14.23
CA GLN E 35 1.26 19.04 -14.02
C GLN E 35 1.89 18.33 -12.82
N TYR E 36 3.16 18.58 -12.56
CA TYR E 36 3.82 17.91 -11.45
C TYR E 36 4.22 18.81 -10.26
N ILE E 37 3.61 19.99 -10.16
CA ILE E 37 3.86 20.98 -9.14
C ILE E 37 2.90 20.70 -8.02
N ALA E 38 3.41 20.43 -6.85
CA ALA E 38 2.60 20.15 -5.68
C ALA E 38 2.67 21.33 -4.70
N VAL E 39 1.52 21.73 -4.18
CA VAL E 39 1.46 22.82 -3.20
C VAL E 39 0.72 22.34 -1.97
N HIS E 40 1.17 22.83 -0.81
CA HIS E 40 0.61 22.42 0.46
C HIS E 40 0.52 23.64 1.37
N VAL E 41 -0.70 23.99 1.79
CA VAL E 41 -0.91 25.15 2.68
C VAL E 41 -1.42 24.66 4.03
N VAL E 42 -0.77 25.09 5.10
CA VAL E 42 -1.11 24.67 6.44
C VAL E 42 -1.39 25.88 7.34
N PRO E 43 -2.68 26.23 7.49
CA PRO E 43 -3.12 27.37 8.32
C PRO E 43 -3.44 26.98 9.75
N ASP E 44 -3.90 27.97 10.54
CA ASP E 44 -4.28 27.80 11.93
C ASP E 44 -3.17 27.24 12.80
N GLN E 45 -1.93 27.48 12.42
CA GLN E 45 -0.78 26.97 13.14
C GLN E 45 -0.39 27.81 14.35
N LEU E 46 0.12 27.13 15.37
CA LEU E 46 0.60 27.79 16.57
C LEU E 46 2.06 28.12 16.29
N MET E 47 2.33 29.39 15.98
CA MET E 47 3.69 29.80 15.68
C MET E 47 3.96 31.26 16.02
N ALA E 48 5.23 31.56 16.27
CA ALA E 48 5.63 32.92 16.59
C ALA E 48 6.83 33.29 15.72
N PHE E 49 6.98 34.57 15.45
CA PHE E 49 8.07 35.06 14.63
C PHE E 49 8.64 36.27 15.36
N GLY E 50 9.97 36.33 15.49
CA GLY E 50 10.58 37.44 16.19
C GLY E 50 9.93 37.56 17.56
N GLY E 51 9.48 36.44 18.11
CA GLY E 51 8.84 36.45 19.42
C GLY E 51 7.40 36.91 19.41
N SER E 52 6.93 37.32 18.23
CA SER E 52 5.56 37.81 18.09
C SER E 52 4.61 36.84 17.37
N SER E 53 3.37 36.75 17.84
CA SER E 53 2.38 35.87 17.26
C SER E 53 1.66 36.50 16.07
N GLU E 54 2.18 37.64 15.58
CA GLU E 54 1.55 38.29 14.45
C GLU E 54 1.68 37.38 13.24
N PRO E 55 0.79 37.55 12.25
CA PRO E 55 0.82 36.73 11.04
C PRO E 55 2.21 36.56 10.49
N CYS E 56 2.58 35.30 10.24
CA CYS E 56 3.87 34.96 9.69
C CYS E 56 3.72 33.66 8.92
N ALA E 57 4.77 33.27 8.23
CA ALA E 57 4.74 32.03 7.47
C ALA E 57 6.14 31.46 7.33
N LEU E 58 6.22 30.14 7.45
CA LEU E 58 7.47 29.40 7.30
C LEU E 58 7.16 28.48 6.12
N CYS E 59 7.90 28.66 5.03
CA CYS E 59 7.67 27.90 3.80
C CYS E 59 8.90 27.15 3.32
N SER E 60 8.70 26.27 2.35
CA SER E 60 9.82 25.53 1.78
C SER E 60 9.51 25.24 0.32
N LEU E 61 10.54 25.33 -0.52
CA LEU E 61 10.42 25.07 -1.93
C LEU E 61 11.49 24.06 -2.31
N HIS E 62 11.05 22.90 -2.77
CA HIS E 62 11.96 21.85 -3.17
C HIS E 62 11.84 21.73 -4.68
N SER E 63 12.97 21.64 -5.34
CA SER E 63 12.99 21.52 -6.78
C SER E 63 14.29 20.88 -7.19
N ILE E 64 14.25 20.15 -8.29
CA ILE E 64 15.44 19.52 -8.83
C ILE E 64 15.95 20.55 -9.83
N GLY E 65 16.81 21.44 -9.36
CA GLY E 65 17.35 22.48 -10.21
C GLY E 65 16.51 23.73 -10.06
N LYS E 66 16.88 24.78 -10.78
CA LYS E 66 16.14 26.03 -10.73
C LYS E 66 16.21 26.63 -9.34
N ILE E 67 17.32 26.38 -8.66
CA ILE E 67 17.52 26.90 -7.31
C ILE E 67 18.88 27.62 -7.28
N GLY E 68 18.90 28.84 -6.74
CA GLY E 68 20.15 29.57 -6.70
C GLY E 68 19.99 30.94 -6.07
N GLY E 69 21.10 31.56 -5.70
CA GLY E 69 21.06 32.87 -5.06
C GLY E 69 20.16 33.90 -5.74
N ALA E 70 20.37 34.11 -7.03
CA ALA E 70 19.57 35.09 -7.78
C ALA E 70 18.14 34.60 -7.94
N GLN E 71 18.01 33.34 -8.35
CA GLN E 71 16.67 32.75 -8.54
C GLN E 71 15.89 32.77 -7.23
N ASN E 72 16.56 32.47 -6.12
CA ASN E 72 15.92 32.46 -4.82
C ASN E 72 15.42 33.86 -4.44
N ARG E 73 16.26 34.87 -4.68
CA ARG E 73 15.85 36.25 -4.37
C ARG E 73 14.63 36.53 -5.22
N SER E 74 14.68 36.10 -6.47
CA SER E 74 13.58 36.29 -7.40
C SER E 74 12.35 35.55 -6.88
N TYR E 75 12.52 34.30 -6.46
CA TYR E 75 11.39 33.52 -5.94
C TYR E 75 10.81 34.16 -4.70
N SER E 76 11.68 34.66 -3.84
CA SER E 76 11.25 35.28 -2.60
C SER E 76 10.37 36.50 -2.80
N LYS E 77 10.74 37.36 -3.75
CA LYS E 77 9.92 38.53 -4.00
C LYS E 77 8.52 38.08 -4.42
N LEU E 78 8.48 37.13 -5.35
CA LEU E 78 7.21 36.59 -5.84
C LEU E 78 6.32 36.02 -4.74
N LEU E 79 6.87 35.06 -4.00
CA LEU E 79 6.11 34.40 -2.95
C LEU E 79 5.71 35.35 -1.81
N CYS E 80 6.66 36.15 -1.32
CA CYS E 80 6.31 37.11 -0.26
C CYS E 80 5.19 38.00 -0.78
N GLY E 81 5.28 38.36 -2.05
CA GLY E 81 4.29 39.20 -2.71
C GLY E 81 2.91 38.54 -2.60
N LEU E 82 2.89 37.26 -2.91
CA LEU E 82 1.66 36.45 -2.85
C LEU E 82 1.04 36.36 -1.41
N LEU E 83 1.95 36.07 -0.52
CA LEU E 83 1.54 35.91 0.87
C LEU E 83 1.00 37.24 1.39
N ALA E 84 1.64 38.35 1.05
CA ALA E 84 1.16 39.65 1.53
C ALA E 84 -0.20 39.95 0.91
N GLU E 85 -0.26 39.81 -0.41
CA GLU E 85 -1.48 40.07 -1.16
C GLU E 85 -2.67 39.20 -0.76
N ARG E 86 -2.48 37.87 -0.70
CA ARG E 86 -3.57 36.96 -0.38
C ARG E 86 -3.82 36.65 1.08
N LEU E 87 -2.76 36.49 1.88
CA LEU E 87 -2.95 36.16 3.29
C LEU E 87 -2.69 37.34 4.22
N ARG E 88 -2.22 38.45 3.66
CA ARG E 88 -1.95 39.65 4.43
C ARG E 88 -0.79 39.46 5.41
N ILE E 89 0.25 38.77 4.97
CA ILE E 89 1.40 38.56 5.83
C ILE E 89 2.54 39.43 5.35
N SER E 90 3.09 40.24 6.26
CA SER E 90 4.21 41.10 5.93
C SER E 90 5.43 40.26 5.55
N PRO E 91 6.09 40.60 4.43
CA PRO E 91 7.27 39.90 3.93
C PRO E 91 8.42 39.77 4.93
N ASP E 92 8.50 40.70 5.88
CA ASP E 92 9.58 40.66 6.86
C ASP E 92 9.34 39.57 7.89
N ARG E 93 8.16 38.97 7.83
CA ARG E 93 7.78 37.88 8.74
C ARG E 93 7.54 36.59 7.96
N VAL E 94 8.36 36.35 6.96
CA VAL E 94 8.23 35.16 6.14
C VAL E 94 9.60 34.59 5.81
N TYR E 95 9.77 33.31 6.12
CA TYR E 95 11.02 32.62 5.81
C TYR E 95 10.72 31.57 4.75
N ILE E 96 11.63 31.42 3.80
CA ILE E 96 11.43 30.42 2.75
C ILE E 96 12.71 29.64 2.56
N ASN E 97 12.67 28.35 2.87
CA ASN E 97 13.84 27.51 2.71
C ASN E 97 13.87 26.87 1.32
N TYR E 98 14.92 27.15 0.57
CA TYR E 98 15.04 26.58 -0.76
C TYR E 98 15.87 25.30 -0.74
N TYR E 99 15.39 24.27 -1.44
CA TYR E 99 16.11 23.00 -1.47
C TYR E 99 16.37 22.54 -2.90
N ASP E 100 17.63 22.39 -3.25
CA ASP E 100 17.99 21.92 -4.58
C ASP E 100 18.17 20.42 -4.44
N MET E 101 17.10 19.67 -4.72
CA MET E 101 17.12 18.23 -4.58
C MET E 101 17.85 17.47 -5.69
N ASN E 102 18.60 16.45 -5.30
CA ASN E 102 19.27 15.61 -6.26
C ASN E 102 18.17 14.70 -6.81
N ALA E 103 18.13 14.51 -8.12
CA ALA E 103 17.08 13.69 -8.71
C ALA E 103 16.96 12.33 -8.03
N ALA E 104 18.09 11.73 -7.66
CA ALA E 104 18.09 10.42 -7.01
C ALA E 104 17.46 10.42 -5.61
N ASN E 105 17.29 11.60 -5.03
CA ASN E 105 16.70 11.72 -3.70
C ASN E 105 15.22 12.13 -3.72
N VAL E 106 14.59 11.97 -4.88
CA VAL E 106 13.18 12.31 -5.02
C VAL E 106 12.40 11.14 -5.59
N GLY E 107 11.49 10.62 -4.79
CA GLY E 107 10.68 9.50 -5.24
C GLY E 107 9.35 10.01 -5.76
N TRP E 108 8.83 9.34 -6.78
CA TRP E 108 7.56 9.67 -7.42
C TRP E 108 7.16 8.50 -8.29
N ASN E 109 5.87 8.14 -8.27
CA ASN E 109 5.31 7.06 -9.08
C ASN E 109 6.11 5.75 -9.02
N ASN E 110 6.16 5.14 -7.84
CA ASN E 110 6.86 3.86 -7.63
C ASN E 110 8.33 3.81 -8.05
N SER E 111 9.00 4.96 -8.12
CA SER E 111 10.40 4.99 -8.50
C SER E 111 11.02 6.28 -8.04
N THR E 112 12.20 6.60 -8.56
CA THR E 112 12.90 7.84 -8.24
C THR E 112 13.37 8.43 -9.56
N PHE E 113 13.73 9.71 -9.55
CA PHE E 113 14.18 10.39 -10.76
C PHE E 113 15.68 10.20 -11.00
N ALA E 114 16.31 9.31 -10.23
CA ALA E 114 17.75 9.07 -10.39
C ALA E 114 18.14 8.94 -11.87
N PRO F 1 16.84 32.04 12.60
CA PRO F 1 16.75 30.57 12.77
C PRO F 1 15.30 30.12 12.84
N MET F 2 15.07 28.86 12.48
CA MET F 2 13.75 28.28 12.47
C MET F 2 13.73 26.98 13.29
N PHE F 3 12.82 26.90 14.25
CA PHE F 3 12.68 25.71 15.09
C PHE F 3 11.25 25.20 15.05
N ILE F 4 11.11 23.95 14.61
CA ILE F 4 9.79 23.31 14.51
C ILE F 4 9.70 22.06 15.37
N VAL F 5 8.58 21.87 16.06
CA VAL F 5 8.39 20.66 16.85
C VAL F 5 7.02 20.05 16.58
N ASN F 6 7.01 18.79 16.17
CA ASN F 6 5.79 18.04 15.88
C ASN F 6 5.68 17.01 17.00
N THR F 7 4.53 16.89 17.62
CA THR F 7 4.40 15.96 18.74
C THR F 7 2.97 15.46 18.92
N ASN F 8 2.79 14.30 19.53
CA ASN F 8 1.45 13.80 19.75
C ASN F 8 0.84 14.33 21.06
N VAL F 9 1.61 15.10 21.81
CA VAL F 9 1.12 15.68 23.05
C VAL F 9 -0.02 16.65 22.70
N PRO F 10 -1.11 16.64 23.49
CA PRO F 10 -2.27 17.51 23.24
C PRO F 10 -1.97 19.01 23.27
N ARG F 11 -2.77 19.78 22.54
CA ARG F 11 -2.62 21.23 22.50
C ARG F 11 -2.72 21.76 23.94
N ALA F 12 -3.72 21.27 24.67
CA ALA F 12 -3.94 21.71 26.04
C ALA F 12 -2.75 21.40 26.95
N SER F 13 -1.89 20.49 26.52
CA SER F 13 -0.71 20.10 27.30
C SER F 13 0.49 21.00 27.04
N VAL F 14 0.31 21.95 26.12
CA VAL F 14 1.36 22.91 25.78
C VAL F 14 1.08 24.13 26.65
N PRO F 15 2.03 24.49 27.53
CA PRO F 15 1.94 25.63 28.45
C PRO F 15 1.93 27.00 27.77
N ASP F 16 1.10 27.91 28.29
CA ASP F 16 1.04 29.26 27.74
C ASP F 16 2.41 29.87 27.89
N GLY F 17 2.93 30.48 26.84
CA GLY F 17 4.25 31.08 26.92
C GLY F 17 5.33 30.14 26.46
N PHE F 18 4.95 28.92 26.10
CA PHE F 18 5.94 27.96 25.63
C PHE F 18 6.72 28.54 24.44
N LEU F 19 6.01 29.11 23.47
CA LEU F 19 6.71 29.69 22.33
C LEU F 19 7.64 30.80 22.76
N SER F 20 7.18 31.65 23.67
CA SER F 20 8.01 32.74 24.15
C SER F 20 9.30 32.17 24.74
N GLU F 21 9.18 31.10 25.53
CA GLU F 21 10.35 30.47 26.13
C GLU F 21 11.30 29.89 25.09
N LEU F 22 10.75 29.16 24.11
CA LEU F 22 11.58 28.57 23.07
C LEU F 22 12.41 29.60 22.32
N THR F 23 11.80 30.73 21.99
CA THR F 23 12.49 31.78 21.25
C THR F 23 13.68 32.34 22.03
N GLN F 24 13.42 32.72 23.27
CA GLN F 24 14.46 33.29 24.14
C GLN F 24 15.58 32.28 24.34
N GLN F 25 15.21 31.06 24.74
CA GLN F 25 16.18 30.01 24.96
C GLN F 25 17.01 29.74 23.73
N LEU F 26 16.38 29.82 22.55
CA LEU F 26 17.11 29.58 21.29
C LEU F 26 18.02 30.74 20.90
N ALA F 27 17.50 31.97 21.05
CA ALA F 27 18.31 33.16 20.78
C ALA F 27 19.58 33.01 21.60
N GLN F 28 19.38 32.59 22.84
CA GLN F 28 20.47 32.32 23.76
C GLN F 28 21.52 31.31 23.16
N ALA F 29 21.20 30.11 22.61
CA ALA F 29 22.16 29.03 22.17
C ALA F 29 22.88 29.33 20.90
N THR F 30 22.08 29.94 20.09
CA THR F 30 22.53 30.25 18.79
C THR F 30 23.31 31.53 18.81
N GLY F 31 22.94 32.45 19.70
CA GLY F 31 23.59 33.71 19.84
C GLY F 31 23.09 34.60 18.74
N LYS F 32 21.83 34.38 18.43
CA LYS F 32 21.21 35.16 17.39
C LYS F 32 20.09 36.00 17.97
N PRO F 33 19.97 37.23 17.49
CA PRO F 33 18.95 38.17 17.95
C PRO F 33 17.60 37.45 17.85
N PRO F 34 16.94 37.28 18.99
CA PRO F 34 15.63 36.62 19.06
C PRO F 34 14.74 37.04 17.90
N GLN F 35 15.05 38.23 17.41
CA GLN F 35 14.36 38.87 16.31
C GLN F 35 14.30 37.98 15.05
N TYR F 36 15.28 37.11 14.85
CA TYR F 36 15.27 36.30 13.66
C TYR F 36 14.81 34.92 13.97
N ILE F 37 14.28 34.76 15.16
CA ILE F 37 13.86 33.44 15.62
C ILE F 37 12.39 33.14 15.37
N ALA F 38 12.13 32.09 14.58
CA ALA F 38 10.76 31.68 14.31
C ALA F 38 10.52 30.33 14.98
N VAL F 39 9.46 30.21 15.77
CA VAL F 39 9.15 28.96 16.44
C VAL F 39 7.78 28.48 15.97
N HIS F 40 7.65 27.16 15.88
CA HIS F 40 6.42 26.55 15.38
C HIS F 40 6.22 25.24 16.15
N VAL F 41 5.06 25.10 16.79
CA VAL F 41 4.75 23.91 17.56
C VAL F 41 3.45 23.31 17.05
N VAL F 42 3.50 22.03 16.70
CA VAL F 42 2.34 21.32 16.17
C VAL F 42 1.98 20.15 17.06
N PRO F 43 0.96 20.32 17.93
CA PRO F 43 0.52 19.26 18.84
C PRO F 43 -0.54 18.34 18.23
N ASP F 44 -1.01 17.40 19.03
CA ASP F 44 -2.05 16.46 18.61
C ASP F 44 -1.74 15.73 17.31
N GLN F 45 -0.48 15.41 17.07
CA GLN F 45 -0.13 14.72 15.84
C GLN F 45 -0.28 13.22 15.95
N LEU F 46 -0.43 12.56 14.80
CA LEU F 46 -0.57 11.12 14.78
C LEU F 46 0.84 10.62 14.50
N MET F 47 1.54 10.18 15.53
CA MET F 47 2.89 9.70 15.33
C MET F 47 3.27 8.59 16.30
N ALA F 48 4.41 7.97 16.05
CA ALA F 48 4.89 6.88 16.88
C ALA F 48 6.39 6.93 16.87
N PHE F 49 7.00 6.43 17.94
CA PHE F 49 8.44 6.41 18.04
C PHE F 49 8.81 5.01 18.52
N GLY F 50 9.56 4.29 17.69
CA GLY F 50 9.93 2.95 18.06
C GLY F 50 8.70 2.08 18.09
N GLY F 51 7.69 2.44 17.28
CA GLY F 51 6.47 1.67 17.21
C GLY F 51 5.42 1.95 18.27
N SER F 52 5.76 2.74 19.26
CA SER F 52 4.86 3.08 20.37
C SER F 52 4.29 4.50 20.24
N SER F 53 3.08 4.69 20.76
CA SER F 53 2.44 6.01 20.66
C SER F 53 2.51 6.87 21.91
N GLU F 54 3.50 6.55 22.76
CA GLU F 54 3.77 7.32 23.95
C GLU F 54 4.34 8.64 23.50
N PRO F 55 4.17 9.72 24.36
CA PRO F 55 4.62 11.06 24.05
C PRO F 55 5.97 10.99 23.34
N CYS F 56 6.10 11.73 22.23
CA CYS F 56 7.36 11.79 21.39
C CYS F 56 7.35 13.08 20.52
N ALA F 57 8.47 13.39 19.84
CA ALA F 57 8.55 14.57 19.00
C ALA F 57 9.64 14.42 17.94
N LEU F 58 9.29 15.02 16.81
CA LEU F 58 10.14 15.15 15.66
C LEU F 58 10.28 16.61 15.46
N CYS F 59 11.50 17.13 15.58
CA CYS F 59 11.73 18.56 15.42
C CYS F 59 12.81 18.84 14.41
N SER F 60 12.97 20.11 14.07
CA SER F 60 14.02 20.48 13.16
C SER F 60 14.51 21.87 13.55
N LEU F 61 15.81 22.09 13.41
CA LEU F 61 16.38 23.39 13.71
C LEU F 61 17.15 23.82 12.47
N HIS F 62 16.73 24.91 11.82
CA HIS F 62 17.41 25.48 10.64
C HIS F 62 18.12 26.86 10.99
N SER F 63 19.37 27.24 10.51
CA SER F 63 20.19 28.53 10.76
C SER F 63 21.23 28.57 9.76
N ILE F 64 21.49 29.74 9.48
CA ILE F 64 22.56 29.95 8.66
C ILE F 64 23.76 29.90 9.62
N GLY F 65 24.51 28.80 9.65
CA GLY F 65 25.66 28.72 10.53
C GLY F 65 25.27 28.39 11.96
N LYS F 66 26.27 28.18 12.81
CA LYS F 66 26.04 27.84 14.21
C LYS F 66 25.55 26.42 14.29
N ILE F 67 26.04 25.60 13.36
CA ILE F 67 25.67 24.19 13.29
C ILE F 67 26.92 23.35 13.19
N GLY F 68 27.21 22.60 14.25
CA GLY F 68 28.40 21.75 14.25
C GLY F 68 28.23 20.55 15.15
N GLY F 69 29.13 19.62 15.08
CA GLY F 69 28.95 18.41 15.91
C GLY F 69 28.90 18.80 17.36
N ALA F 70 29.89 19.57 17.72
CA ALA F 70 30.01 20.08 19.10
C ALA F 70 28.70 20.89 19.49
N GLN F 71 28.34 21.89 18.66
CA GLN F 71 27.18 22.75 18.88
C GLN F 71 25.83 22.01 18.86
N ASN F 72 25.66 21.06 17.94
CA ASN F 72 24.40 20.32 17.88
C ASN F 72 24.17 19.47 19.14
N ARG F 73 25.25 18.99 19.75
CA ARG F 73 25.10 18.22 20.98
C ARG F 73 24.55 19.13 22.08
N SER F 74 25.03 20.37 22.12
CA SER F 74 24.57 21.32 23.13
C SER F 74 23.12 21.69 22.90
N TYR F 75 22.72 21.83 21.64
CA TYR F 75 21.34 22.18 21.32
C TYR F 75 20.42 21.04 21.74
N SER F 76 20.87 19.82 21.47
CA SER F 76 20.08 18.65 21.80
C SER F 76 19.82 18.55 23.30
N LYS F 77 20.84 18.78 24.11
CA LYS F 77 20.67 18.74 25.55
C LYS F 77 19.64 19.81 25.92
N LEU F 78 19.85 21.03 25.42
CA LEU F 78 18.96 22.14 25.68
C LEU F 78 17.52 21.90 25.26
N LEU F 79 17.34 21.46 24.03
CA LEU F 79 16.01 21.21 23.50
C LEU F 79 15.31 20.03 24.16
N CYS F 80 16.03 18.93 24.36
CA CYS F 80 15.42 17.77 25.01
C CYS F 80 15.07 18.15 26.45
N GLY F 81 15.93 18.94 27.09
CA GLY F 81 15.65 19.37 28.44
C GLY F 81 14.33 20.11 28.48
N LEU F 82 14.14 21.04 27.53
CA LEU F 82 12.90 21.82 27.48
C LEU F 82 11.66 20.99 27.20
N LEU F 83 11.77 20.05 26.25
CA LEU F 83 10.64 19.20 25.89
C LEU F 83 10.18 18.29 27.03
N ALA F 84 11.15 17.73 27.76
CA ALA F 84 10.83 16.85 28.87
C ALA F 84 10.13 17.64 29.98
N GLU F 85 10.66 18.81 30.29
CA GLU F 85 10.10 19.64 31.36
C GLU F 85 8.74 20.26 31.06
N ARG F 86 8.64 20.94 29.92
CA ARG F 86 7.40 21.59 29.54
C ARG F 86 6.34 20.68 28.92
N LEU F 87 6.76 19.72 28.09
CA LEU F 87 5.77 18.85 27.45
C LEU F 87 5.78 17.42 28.00
N ARG F 88 6.69 17.17 28.93
CA ARG F 88 6.82 15.86 29.55
C ARG F 88 7.06 14.77 28.50
N ILE F 89 7.93 15.06 27.54
CA ILE F 89 8.26 14.09 26.50
C ILE F 89 9.65 13.61 26.86
N SER F 90 9.84 12.29 26.94
CA SER F 90 11.14 11.76 27.28
C SER F 90 12.13 12.04 26.15
N PRO F 91 13.37 12.42 26.51
CA PRO F 91 14.44 12.73 25.56
C PRO F 91 14.76 11.59 24.59
N ASP F 92 14.63 10.35 25.06
CA ASP F 92 14.93 9.21 24.19
C ASP F 92 13.83 9.00 23.15
N ARG F 93 12.78 9.82 23.20
CA ARG F 93 11.67 9.74 22.23
C ARG F 93 11.58 11.05 21.44
N VAL F 94 12.73 11.67 21.23
CA VAL F 94 12.83 12.92 20.49
C VAL F 94 13.94 12.87 19.43
N TYR F 95 13.63 13.31 18.22
CA TYR F 95 14.62 13.40 17.17
C TYR F 95 14.66 14.86 16.75
N ILE F 96 15.86 15.37 16.45
CA ILE F 96 15.98 16.75 16.00
C ILE F 96 16.93 16.77 14.81
N ASN F 97 16.43 17.17 13.65
CA ASN F 97 17.29 17.25 12.48
C ASN F 97 17.83 18.67 12.46
N TYR F 98 19.14 18.80 12.33
CA TYR F 98 19.79 20.10 12.27
C TYR F 98 20.19 20.39 10.84
N TYR F 99 19.91 21.62 10.39
CA TYR F 99 20.25 22.04 9.03
C TYR F 99 21.05 23.32 9.04
N ASP F 100 22.25 23.26 8.46
CA ASP F 100 23.12 24.43 8.34
C ASP F 100 22.76 25.01 6.98
N MET F 101 21.91 26.04 7.00
CA MET F 101 21.42 26.69 5.79
C MET F 101 22.33 27.75 5.19
N ASN F 102 22.53 27.69 3.87
CA ASN F 102 23.33 28.70 3.20
C ASN F 102 22.42 29.94 3.18
N ALA F 103 22.95 31.10 3.55
CA ALA F 103 22.14 32.32 3.57
C ALA F 103 21.38 32.55 2.26
N ALA F 104 21.94 32.07 1.17
CA ALA F 104 21.31 32.22 -0.14
C ALA F 104 20.02 31.40 -0.25
N ASN F 105 19.95 30.30 0.50
CA ASN F 105 18.77 29.43 0.45
C ASN F 105 17.71 29.72 1.50
N VAL F 106 17.80 30.86 2.15
CA VAL F 106 16.78 31.24 3.12
C VAL F 106 16.18 32.53 2.63
N GLY F 107 14.94 32.44 2.14
CA GLY F 107 14.27 33.62 1.64
C GLY F 107 13.64 34.36 2.79
N TRP F 108 13.61 35.69 2.68
CA TRP F 108 13.02 36.53 3.71
C TRP F 108 12.96 37.96 3.21
N ASN F 109 11.88 38.64 3.57
CA ASN F 109 11.67 40.03 3.20
C ASN F 109 11.90 40.30 1.71
N ASN F 110 11.22 39.53 0.87
CA ASN F 110 11.31 39.67 -0.58
C ASN F 110 12.68 39.38 -1.17
N SER F 111 13.63 38.95 -0.33
CA SER F 111 14.97 38.65 -0.80
C SER F 111 15.53 37.44 -0.04
N THR F 112 16.85 37.33 0.01
CA THR F 112 17.49 36.25 0.74
C THR F 112 18.45 36.87 1.76
N PHE F 113 18.86 36.09 2.74
CA PHE F 113 19.79 36.57 3.76
C PHE F 113 21.19 36.71 3.16
N ALA F 114 21.32 36.33 1.90
CA ALA F 114 22.60 36.42 1.20
C ALA F 114 23.11 37.86 1.17
CL CL G . -21.63 -29.62 10.61
CL CL H . -17.58 -14.45 3.35
CL CL I . -13.26 -28.59 -23.26
C1 3E1 J . -0.76 -31.01 8.64
C2 3E1 J . 0.40 -31.72 8.95
C3 3E1 J . 1.01 -31.60 10.19
C4 3E1 J . 0.46 -30.73 11.14
C5 3E1 J . -0.69 -29.99 10.83
C6 3E1 J . -1.30 -30.13 9.59
N 3E1 J . -1.44 -31.26 7.38
C 3E1 J . -1.47 -30.21 6.54
CM 3E1 J . -2.13 -30.36 5.19
O4 3E1 J . 1.02 -30.59 12.38
O11 3E1 J . -0.98 -29.13 6.85
C11 3E1 J . 3.25 -34.72 10.40
C21 3E1 J . 2.12 -33.89 10.28
C31 3E1 J . 2.21 -32.51 10.50
C41 3E1 J . 3.45 -31.98 10.86
C51 3E1 J . 4.57 -32.81 10.98
C61 3E1 J . 4.48 -34.17 10.76
N1 3E1 J . 3.14 -36.12 10.08
C91 3E1 J . 3.50 -36.93 11.09
CM1 3E1 J . 3.40 -38.43 10.89
O41 3E1 J . 3.59 -30.64 11.05
O12 3E1 J . 3.93 -36.50 12.17
CL CL K . 3.44 -14.34 12.49
CL CL L . 8.65 -28.25 -12.79
CL CL M . -10.98 -21.47 7.21
CL CL N . -20.78 -1.25 2.29
CL CL O . -7.78 -12.04 4.97
CL CL P . 0.23 4.00 -14.51
CL CL Q . 22.04 2.84 -2.55
CL CL R . -1.85 3.83 14.01
CL CL S . 23.02 16.25 7.28
CL CL T . 30.73 22.79 16.37
CL CL U . 18.52 40.92 21.46
CL CL V . 21.33 25.34 2.34
#